data_3RSB
#
_entry.id   3RSB
#
_cell.length_a   63.600
_cell.length_b   63.600
_cell.length_c   222.500
_cell.angle_alpha   90.00
_cell.angle_beta   90.00
_cell.angle_gamma   120.00
#
_symmetry.space_group_name_H-M   'P 31'
#
loop_
_entity.id
_entity.type
_entity.pdbx_description
1 polymer 'Adenosylcobinamide-phosphate guanylyltransferase'
2 non-polymer "GUANOSINE-5'-TRIPHOSPHATE"
3 water water
#
_entity_poly.entity_id   1
_entity_poly.type   'polypeptide(L)'
_entity_poly.pdbx_seq_one_letter_code
;(MSE)DALI(MSE)AGGKGTR(MSE)GGVEKPLIKLCGRCLIDYVVSPLLKSKVNNIFIATSPNTPKTKEYINSAYKDYK
NIVVIDTSGKGYIEDLNECIGYFSEPFLVVSSDLINLKSKIINSIVDYFYCIKAKTPDVEALAV(MSE)IPKEKYPNPSI
DFNGLVPADINVVSPKHGYQKEEI(MSE)VIDELIFNINTKDDLKLAE(MSE)LLKKDGL
;
_entity_poly.pdbx_strand_id   A,B,C,D
#
# COMPACT_ATOMS: atom_id res chain seq x y z
N ASP A 2 16.69 6.40 -10.16
CA ASP A 2 16.53 5.70 -11.37
C ASP A 2 17.88 5.71 -11.95
N ALA A 3 18.09 5.07 -13.06
CA ALA A 3 19.41 5.03 -13.61
C ALA A 3 19.54 5.26 -15.09
N LEU A 4 20.73 5.71 -15.45
CA LEU A 4 21.05 5.97 -16.81
C LEU A 4 22.25 5.19 -17.21
N ILE A 5 22.20 4.51 -18.33
CA ILE A 5 23.32 3.73 -18.80
C ILE A 5 23.83 4.40 -20.00
N ALA A 7 25.48 4.78 -23.19
CA ALA A 7 25.80 3.95 -24.31
C ALA A 7 25.81 4.70 -25.62
N THR A 12 37.09 4.15 -28.97
CA THR A 12 37.24 3.38 -30.21
C THR A 12 38.38 2.44 -30.07
N ARG A 13 38.86 2.15 -28.89
CA ARG A 13 39.87 1.12 -28.93
C ARG A 13 39.27 -0.20 -29.21
N GLY A 15 38.80 -1.37 -32.04
CA GLY A 15 37.96 -1.37 -33.23
C GLY A 15 36.84 -0.36 -33.28
N GLY A 16 36.50 0.19 -32.14
CA GLY A 16 35.43 1.15 -32.07
C GLY A 16 34.12 0.65 -32.62
N VAL A 17 33.83 -0.61 -32.40
CA VAL A 17 32.62 -1.18 -32.86
C VAL A 17 31.88 -1.16 -31.58
N GLU A 18 30.57 -0.97 -31.59
CA GLU A 18 29.88 -0.86 -30.33
C GLU A 18 30.04 -2.02 -29.40
N LYS A 19 30.71 -1.70 -28.32
CA LYS A 19 31.07 -2.61 -27.30
C LYS A 19 29.95 -3.23 -26.56
N PRO A 20 28.94 -2.44 -26.33
CA PRO A 20 27.81 -2.82 -25.50
C PRO A 20 27.19 -4.05 -26.04
N LEU A 21 27.45 -4.31 -27.30
CA LEU A 21 26.93 -5.48 -27.91
C LEU A 21 28.05 -6.46 -28.03
N ILE A 22 29.18 -6.15 -27.45
CA ILE A 22 30.27 -7.07 -27.53
C ILE A 22 29.81 -8.23 -26.75
N LYS A 23 30.22 -9.43 -27.11
CA LYS A 23 29.77 -10.63 -26.41
C LYS A 23 30.72 -11.28 -25.45
N LEU A 24 30.26 -11.54 -24.24
CA LEU A 24 31.09 -12.20 -23.28
C LEU A 24 30.37 -13.35 -22.62
N CYS A 25 30.88 -14.54 -22.85
CA CYS A 25 30.31 -15.72 -22.29
C CYS A 25 28.87 -15.86 -22.71
N GLY A 26 28.58 -15.50 -23.94
CA GLY A 26 27.23 -15.64 -24.42
C GLY A 26 26.25 -14.58 -24.06
N ARG A 27 26.68 -13.53 -23.41
CA ARG A 27 25.79 -12.49 -23.11
C ARG A 27 26.40 -11.24 -23.60
N CYS A 28 25.59 -10.24 -23.95
CA CYS A 28 26.13 -8.98 -24.42
C CYS A 28 26.63 -8.27 -23.22
N LEU A 29 27.50 -7.29 -23.36
CA LEU A 29 28.03 -6.57 -22.23
C LEU A 29 27.03 -5.80 -21.42
N ILE A 30 26.07 -5.23 -22.10
CA ILE A 30 25.11 -4.47 -21.41
C ILE A 30 24.23 -5.28 -20.49
N ASP A 31 24.02 -6.53 -20.80
CA ASP A 31 23.23 -7.35 -19.93
C ASP A 31 23.86 -7.40 -18.56
N TYR A 32 25.17 -7.44 -18.51
CA TYR A 32 25.80 -7.49 -17.24
C TYR A 32 25.48 -6.24 -16.47
N VAL A 33 25.42 -5.09 -17.11
CA VAL A 33 25.07 -3.86 -16.42
C VAL A 33 23.64 -3.79 -16.00
N VAL A 34 22.77 -4.13 -16.91
CA VAL A 34 21.36 -4.10 -16.67
C VAL A 34 20.99 -5.03 -15.57
N SER A 35 21.63 -6.17 -15.52
CA SER A 35 21.23 -7.14 -14.56
C SER A 35 21.26 -6.66 -13.16
N PRO A 36 22.34 -6.12 -12.71
CA PRO A 36 22.41 -5.63 -11.35
C PRO A 36 21.43 -4.51 -11.06
N LEU A 37 21.18 -3.63 -12.00
CA LEU A 37 20.28 -2.55 -11.74
C LEU A 37 18.90 -3.05 -11.45
N LEU A 38 18.44 -3.99 -12.26
CA LEU A 38 17.13 -4.54 -12.06
C LEU A 38 17.03 -5.17 -10.72
N LYS A 39 17.92 -6.09 -10.42
CA LYS A 39 17.90 -6.71 -9.12
C LYS A 39 18.14 -5.55 -8.25
N SER A 40 18.43 -4.51 -8.99
CA SER A 40 18.78 -3.22 -8.53
C SER A 40 17.64 -2.46 -7.89
N LYS A 41 18.00 -1.75 -6.84
CA LYS A 41 17.09 -0.93 -6.13
C LYS A 41 16.69 0.19 -7.08
N VAL A 42 17.57 0.56 -7.97
CA VAL A 42 17.25 1.62 -8.86
C VAL A 42 16.23 1.08 -9.80
N ASN A 43 14.98 1.45 -9.64
CA ASN A 43 13.98 0.92 -10.54
C ASN A 43 13.93 1.17 -12.04
N ASN A 44 13.90 2.40 -12.49
CA ASN A 44 13.86 2.57 -13.93
C ASN A 44 15.23 2.74 -14.53
N ILE A 45 15.45 2.20 -15.71
CA ILE A 45 16.74 2.29 -16.32
C ILE A 45 16.65 3.00 -17.60
N PHE A 46 17.43 4.03 -17.82
CA PHE A 46 17.36 4.66 -19.11
C PHE A 46 18.65 4.41 -19.83
N ILE A 47 18.56 3.80 -20.97
CA ILE A 47 19.71 3.49 -21.77
C ILE A 47 19.90 4.47 -22.89
N ALA A 48 20.80 5.41 -22.72
CA ALA A 48 21.08 6.42 -23.71
C ALA A 48 21.85 5.86 -24.85
N THR A 49 21.30 6.02 -26.03
CA THR A 49 21.90 5.46 -27.19
C THR A 49 22.26 6.47 -28.24
N SER A 50 23.11 6.08 -29.17
CA SER A 50 23.51 7.02 -30.17
C SER A 50 23.97 6.27 -31.37
N PRO A 51 24.35 6.98 -32.40
CA PRO A 51 24.80 6.31 -33.61
C PRO A 51 26.05 5.46 -33.41
N ASN A 52 25.94 4.36 -34.09
CA ASN A 52 26.87 3.26 -34.09
C ASN A 52 26.37 2.40 -32.95
N THR A 53 25.42 2.94 -32.23
CA THR A 53 24.78 2.21 -31.17
C THR A 53 23.35 1.84 -31.55
N PRO A 54 23.04 2.01 -32.82
CA PRO A 54 21.72 1.68 -33.31
C PRO A 54 21.41 0.23 -33.08
N LYS A 55 22.36 -0.65 -33.35
CA LYS A 55 22.19 -2.07 -33.21
C LYS A 55 21.85 -2.35 -31.78
N THR A 56 22.44 -1.58 -30.89
CA THR A 56 22.20 -1.72 -29.50
C THR A 56 20.79 -1.39 -29.19
N LYS A 57 20.33 -0.29 -29.76
CA LYS A 57 19.00 0.22 -29.51
C LYS A 57 18.07 -0.89 -29.88
N GLU A 58 18.34 -1.52 -30.99
CA GLU A 58 17.50 -2.61 -31.39
C GLU A 58 17.53 -3.84 -30.51
N TYR A 59 18.70 -4.24 -30.08
CA TYR A 59 18.74 -5.41 -29.27
C TYR A 59 17.92 -5.11 -28.06
N ILE A 60 18.10 -3.92 -27.55
CA ILE A 60 17.39 -3.54 -26.36
C ILE A 60 15.90 -3.47 -26.52
N ASN A 61 15.46 -2.92 -27.62
CA ASN A 61 14.05 -2.83 -27.75
C ASN A 61 13.51 -4.25 -27.88
N SER A 62 14.13 -5.03 -28.73
CA SER A 62 13.70 -6.37 -28.87
C SER A 62 13.94 -7.21 -27.66
N ALA A 63 15.10 -7.10 -27.04
CA ALA A 63 15.40 -7.90 -25.86
C ALA A 63 14.61 -7.64 -24.59
N TYR A 64 14.47 -6.38 -24.26
CA TYR A 64 13.78 -5.93 -23.06
C TYR A 64 12.50 -5.26 -23.46
N LYS A 65 11.94 -5.65 -24.59
CA LYS A 65 10.78 -5.02 -25.09
C LYS A 65 9.71 -5.14 -24.07
N ASP A 66 9.68 -6.27 -23.38
CA ASP A 66 8.68 -6.56 -22.36
C ASP A 66 8.99 -5.89 -21.08
N TYR A 67 10.15 -5.29 -21.05
CA TYR A 67 10.67 -4.59 -19.91
C TYR A 67 10.42 -3.09 -19.89
N LYS A 68 10.94 -2.46 -18.85
CA LYS A 68 10.88 -1.03 -18.63
C LYS A 68 12.28 -0.40 -18.81
N ASN A 69 13.05 -0.97 -19.72
CA ASN A 69 14.36 -0.52 -20.05
C ASN A 69 14.07 0.34 -21.23
N ILE A 70 14.31 1.62 -21.09
CA ILE A 70 13.98 2.56 -22.11
C ILE A 70 15.20 3.12 -22.71
N VAL A 71 15.15 3.32 -24.01
CA VAL A 71 16.27 3.84 -24.73
C VAL A 71 16.05 5.30 -24.94
N VAL A 72 17.14 6.04 -24.94
CA VAL A 72 17.11 7.45 -25.11
C VAL A 72 17.99 7.70 -26.27
N ILE A 73 18.07 8.95 -26.71
CA ILE A 73 18.90 9.30 -27.87
C ILE A 73 19.73 10.59 -27.67
N GLU A 82 29.73 13.31 -28.24
CA GLU A 82 30.52 13.49 -27.05
C GLU A 82 29.68 13.12 -25.87
N ASP A 83 29.66 14.00 -24.88
CA ASP A 83 28.86 13.76 -23.71
C ASP A 83 27.64 14.68 -23.78
N LEU A 84 26.52 14.01 -23.88
CA LEU A 84 25.26 14.62 -23.92
C LEU A 84 24.53 13.99 -22.75
N ASN A 85 24.04 14.80 -21.87
CA ASN A 85 23.30 14.29 -20.77
C ASN A 85 22.26 15.28 -21.10
N GLU A 86 21.65 14.90 -22.19
CA GLU A 86 20.55 15.54 -22.80
C GLU A 86 19.47 14.69 -22.19
N CYS A 87 19.88 13.94 -21.19
CA CYS A 87 19.03 13.05 -20.44
C CYS A 87 18.47 13.56 -19.12
N ILE A 88 18.80 14.76 -18.68
CA ILE A 88 18.31 15.21 -17.37
C ILE A 88 16.84 15.38 -17.40
N GLY A 89 16.34 15.46 -18.61
CA GLY A 89 14.94 15.68 -18.82
C GLY A 89 14.18 14.56 -18.18
N TYR A 90 14.69 13.36 -18.29
CA TYR A 90 14.06 12.20 -17.71
C TYR A 90 13.97 12.02 -16.20
N PHE A 91 15.04 12.27 -15.48
CA PHE A 91 15.09 12.07 -14.07
C PHE A 91 14.76 13.31 -13.33
N SER A 92 13.81 13.26 -12.45
CA SER A 92 13.42 14.42 -11.71
C SER A 92 14.21 14.38 -10.47
N GLU A 93 15.03 13.37 -10.37
CA GLU A 93 15.81 13.20 -9.19
C GLU A 93 17.12 12.78 -9.68
N PRO A 94 18.06 12.66 -8.77
CA PRO A 94 19.41 12.22 -9.06
C PRO A 94 19.38 10.76 -9.48
N PHE A 95 20.19 10.43 -10.47
CA PHE A 95 20.25 9.15 -11.09
C PHE A 95 21.62 8.66 -11.12
N LEU A 96 21.76 7.37 -11.37
CA LEU A 96 23.05 6.75 -11.46
C LEU A 96 23.34 6.62 -12.89
N VAL A 97 24.51 7.08 -13.27
CA VAL A 97 24.93 7.03 -14.63
C VAL A 97 26.02 6.05 -14.65
N VAL A 98 25.84 4.98 -15.40
CA VAL A 98 26.81 3.95 -15.47
C VAL A 98 27.18 3.72 -16.88
N SER A 99 28.41 3.31 -17.07
CA SER A 99 28.94 2.95 -18.35
C SER A 99 28.36 1.59 -18.63
N SER A 100 28.35 1.21 -19.88
CA SER A 100 27.77 -0.01 -20.34
C SER A 100 28.71 -1.14 -20.44
N ASP A 101 29.85 -1.03 -19.75
CA ASP A 101 30.91 -2.04 -19.73
C ASP A 101 31.36 -2.62 -18.39
N LEU A 102 30.64 -2.40 -17.30
CA LEU A 102 31.05 -2.92 -16.01
C LEU A 102 31.00 -4.42 -15.74
N ILE A 103 32.03 -4.92 -15.10
CA ILE A 103 32.11 -6.31 -14.82
C ILE A 103 32.16 -6.55 -13.36
N ASN A 104 31.37 -7.48 -12.86
CA ASN A 104 31.47 -7.69 -11.45
C ASN A 104 30.65 -6.74 -10.59
N LEU A 105 29.78 -5.97 -11.20
CA LEU A 105 28.88 -5.07 -10.51
C LEU A 105 27.65 -5.77 -9.92
N LYS A 106 27.33 -5.45 -8.69
CA LYS A 106 26.28 -6.06 -7.97
C LYS A 106 25.34 -5.10 -7.34
N SER A 107 24.11 -5.53 -7.18
CA SER A 107 23.07 -4.73 -6.61
C SER A 107 23.36 -4.33 -5.22
N LYS A 108 24.02 -5.20 -4.49
CA LYS A 108 24.35 -4.97 -3.12
C LYS A 108 25.26 -3.80 -3.05
N ILE A 109 26.18 -3.70 -3.98
CA ILE A 109 27.09 -2.61 -3.99
C ILE A 109 26.33 -1.39 -4.30
N ILE A 110 25.45 -1.50 -5.25
CA ILE A 110 24.67 -0.40 -5.70
C ILE A 110 23.83 0.17 -4.62
N ASN A 111 23.34 -0.66 -3.75
CA ASN A 111 22.51 -0.14 -2.72
C ASN A 111 23.37 0.76 -1.91
N SER A 112 24.59 0.33 -1.73
CA SER A 112 25.53 1.10 -0.96
C SER A 112 25.85 2.42 -1.62
N ILE A 113 26.04 2.45 -2.92
CA ILE A 113 26.33 3.70 -3.55
C ILE A 113 25.19 4.66 -3.40
N VAL A 114 24.01 4.28 -3.79
CA VAL A 114 22.88 5.17 -3.65
C VAL A 114 22.59 5.46 -2.23
N ASP A 115 22.74 4.47 -1.37
CA ASP A 115 22.51 4.64 0.05
C ASP A 115 23.45 5.66 0.66
N TYR A 116 24.69 5.56 0.23
CA TYR A 116 25.77 6.42 0.62
C TYR A 116 25.57 7.82 0.16
N PHE A 117 25.03 7.99 -1.02
CA PHE A 117 24.84 9.29 -1.59
C PHE A 117 23.98 10.10 -0.71
N TYR A 118 22.89 9.55 -0.25
CA TYR A 118 22.02 10.25 0.66
C TYR A 118 22.59 10.48 2.05
N CYS A 119 23.37 9.54 2.58
CA CYS A 119 23.87 9.66 3.94
C CYS A 119 24.63 10.95 3.97
N ILE A 120 25.28 11.22 2.88
CA ILE A 120 26.05 12.43 2.69
C ILE A 120 25.29 13.73 2.62
N LYS A 121 24.25 13.76 1.82
CA LYS A 121 23.50 14.97 1.63
C LYS A 121 22.97 15.25 2.95
N ALA A 122 23.25 14.30 3.80
CA ALA A 122 22.87 14.36 5.16
C ALA A 122 23.61 15.64 5.49
N LYS A 123 24.67 15.95 4.77
CA LYS A 123 25.39 17.20 4.99
C LYS A 123 25.86 17.84 3.69
N THR A 124 24.91 18.18 2.84
CA THR A 124 25.25 18.78 1.58
C THR A 124 24.17 19.62 0.94
N PRO A 125 24.55 20.23 -0.15
CA PRO A 125 23.71 21.10 -0.95
C PRO A 125 22.72 20.33 -1.77
N GLU A 128 23.88 17.17 -6.39
CA GLU A 128 25.28 16.91 -6.23
C GLU A 128 25.62 15.80 -7.15
N ALA A 129 26.88 15.44 -7.17
CA ALA A 129 27.34 14.37 -8.00
C ALA A 129 28.25 13.54 -7.17
N LEU A 130 28.30 12.26 -7.45
CA LEU A 130 29.14 11.38 -6.68
C LEU A 130 30.06 10.65 -7.59
N ALA A 131 31.28 10.45 -7.16
CA ALA A 131 32.21 9.74 -7.99
C ALA A 131 32.61 8.54 -7.20
N VAL A 132 32.53 7.38 -7.83
CA VAL A 132 32.88 6.12 -7.21
C VAL A 132 34.20 5.65 -7.77
N ILE A 134 37.83 3.11 -7.23
CA ILE A 134 38.40 1.93 -6.64
C ILE A 134 39.86 2.13 -6.36
N PRO A 135 40.34 1.69 -5.22
CA PRO A 135 41.73 1.87 -4.91
C PRO A 135 42.51 1.13 -5.96
N LYS A 136 43.70 1.59 -6.27
CA LYS A 136 44.54 1.00 -7.27
C LYS A 136 45.03 -0.35 -6.88
N GLU A 137 45.06 -0.61 -5.61
CA GLU A 137 45.52 -1.87 -5.16
C GLU A 137 44.63 -2.96 -5.69
N LYS A 138 43.33 -2.72 -5.65
CA LYS A 138 42.28 -3.59 -6.18
C LYS A 138 42.14 -3.75 -7.68
N TYR A 139 42.34 -2.67 -8.42
CA TYR A 139 42.17 -2.64 -9.86
C TYR A 139 43.48 -2.74 -10.60
N PRO A 140 43.57 -3.62 -11.57
CA PRO A 140 44.79 -3.83 -12.33
C PRO A 140 44.72 -3.38 -13.75
N ASN A 141 45.84 -2.95 -14.29
CA ASN A 141 45.87 -2.50 -15.64
C ASN A 141 44.87 -1.44 -15.87
N PRO A 142 44.87 -0.44 -15.01
CA PRO A 142 43.94 0.66 -15.10
C PRO A 142 44.27 1.67 -16.14
N SER A 143 43.31 1.92 -16.98
CA SER A 143 43.47 2.89 -17.98
C SER A 143 43.66 4.27 -17.37
N ILE A 144 42.95 4.58 -16.30
CA ILE A 144 43.06 5.84 -15.65
C ILE A 144 43.30 5.64 -14.20
N ASP A 145 44.22 6.39 -13.63
CA ASP A 145 44.50 6.31 -12.22
C ASP A 145 44.62 7.73 -11.71
N PHE A 146 43.70 8.25 -10.92
CA PHE A 146 43.83 9.63 -10.44
C PHE A 146 44.39 9.66 -9.06
N ASN A 147 45.70 9.71 -8.96
CA ASN A 147 46.44 9.75 -7.72
C ASN A 147 46.10 8.56 -6.89
N GLY A 148 46.02 7.43 -7.56
CA GLY A 148 45.72 6.19 -6.91
C GLY A 148 44.29 5.71 -6.82
N LEU A 149 43.38 6.39 -7.47
CA LEU A 149 42.00 6.00 -7.44
C LEU A 149 41.61 5.75 -8.81
N VAL A 150 40.91 4.67 -9.05
CA VAL A 150 40.50 4.36 -10.38
C VAL A 150 39.04 4.49 -10.47
N PRO A 151 38.61 5.23 -11.45
CA PRO A 151 37.22 5.48 -11.71
C PRO A 151 36.46 4.22 -12.03
N ALA A 152 35.31 4.03 -11.42
CA ALA A 152 34.52 2.85 -11.70
C ALA A 152 33.47 3.03 -12.76
N ASP A 153 33.35 4.22 -13.30
CA ASP A 153 32.36 4.49 -14.30
C ASP A 153 30.95 4.35 -13.78
N ILE A 154 30.78 4.58 -12.48
CA ILE A 154 29.50 4.58 -11.86
C ILE A 154 29.45 5.89 -11.13
N ASN A 155 28.48 6.75 -11.43
CA ASN A 155 28.37 8.03 -10.75
C ASN A 155 26.95 8.41 -10.44
N VAL A 156 26.78 9.15 -9.37
CA VAL A 156 25.52 9.67 -8.94
C VAL A 156 25.53 11.12 -9.37
N VAL A 157 24.38 11.58 -9.80
CA VAL A 157 24.24 12.91 -10.31
C VAL A 157 22.89 13.51 -10.06
N SER A 158 22.80 14.82 -10.22
CA SER A 158 21.57 15.58 -10.02
C SER A 158 21.09 16.03 -11.36
N PRO A 159 19.84 16.34 -11.51
CA PRO A 159 19.36 16.73 -12.83
C PRO A 159 19.57 18.21 -13.14
N LYS A 160 20.76 18.52 -13.65
CA LYS A 160 21.17 19.85 -14.05
C LYS A 160 22.07 19.78 -15.27
N HIS A 161 22.26 20.91 -15.93
CA HIS A 161 23.11 20.95 -17.08
C HIS A 161 24.42 21.73 -16.80
N GLY A 162 24.53 22.28 -15.59
CA GLY A 162 25.69 23.05 -15.15
C GLY A 162 26.69 22.41 -14.20
N TYR A 163 27.10 23.15 -13.18
CA TYR A 163 28.07 22.65 -12.22
C TYR A 163 27.55 21.91 -11.05
N GLN A 164 28.30 20.92 -10.62
CA GLN A 164 27.91 20.12 -9.49
C GLN A 164 29.06 19.89 -8.56
N LYS A 165 28.73 19.89 -7.28
CA LYS A 165 29.69 19.66 -6.24
C LYS A 165 29.78 18.16 -6.11
N GLU A 166 30.90 17.59 -6.58
CA GLU A 166 31.11 16.17 -6.61
C GLU A 166 31.99 15.66 -5.53
N GLU A 167 31.50 14.65 -4.85
CA GLU A 167 32.21 13.98 -3.79
C GLU A 167 32.81 12.70 -4.29
N ILE A 168 33.53 11.98 -3.46
CA ILE A 168 34.15 10.79 -3.92
C ILE A 168 33.83 9.65 -3.02
N VAL A 170 34.69 5.56 -2.03
CA VAL A 170 35.68 4.51 -2.19
C VAL A 170 35.22 3.14 -1.76
N ILE A 171 35.46 2.16 -2.62
CA ILE A 171 35.08 0.79 -2.36
C ILE A 171 36.21 -0.14 -2.62
N ASP A 172 36.38 -1.14 -1.79
CA ASP A 172 37.46 -2.08 -1.97
C ASP A 172 37.11 -3.17 -2.92
N GLU A 173 35.91 -3.15 -3.44
CA GLU A 173 35.44 -4.13 -4.38
C GLU A 173 35.90 -3.67 -5.70
N LEU A 174 35.99 -4.56 -6.66
CA LEU A 174 36.42 -4.22 -7.99
C LEU A 174 35.37 -4.33 -9.05
N ILE A 175 35.12 -3.26 -9.75
CA ILE A 175 34.22 -3.28 -10.87
C ILE A 175 35.11 -2.88 -11.99
N PHE A 176 35.24 -3.75 -12.94
CA PHE A 176 36.10 -3.55 -14.03
C PHE A 176 35.32 -3.14 -15.25
N ASN A 177 35.85 -2.19 -16.00
CA ASN A 177 35.22 -1.77 -17.22
C ASN A 177 36.15 -2.13 -18.36
N ILE A 178 35.60 -2.40 -19.51
CA ILE A 178 36.38 -2.83 -20.61
C ILE A 178 36.62 -1.80 -21.62
N ASN A 179 37.85 -1.52 -21.92
CA ASN A 179 38.06 -0.56 -22.95
C ASN A 179 38.81 -1.16 -24.11
N THR A 180 39.51 -2.24 -23.82
CA THR A 180 40.37 -2.95 -24.75
C THR A 180 40.04 -4.40 -24.86
N LYS A 181 40.63 -5.04 -25.84
CA LYS A 181 40.48 -6.48 -26.06
C LYS A 181 41.08 -7.34 -24.96
N ASP A 182 42.20 -6.89 -24.41
CA ASP A 182 42.85 -7.57 -23.33
C ASP A 182 41.97 -7.39 -22.17
N ASP A 183 41.22 -6.34 -22.22
CA ASP A 183 40.34 -6.00 -21.15
C ASP A 183 39.35 -7.11 -21.03
N LEU A 184 38.96 -7.65 -22.16
CA LEU A 184 38.03 -8.73 -22.29
C LEU A 184 38.54 -10.00 -21.69
N LYS A 185 39.82 -10.25 -21.77
CA LYS A 185 40.32 -11.46 -21.23
C LYS A 185 40.09 -11.45 -19.76
N LEU A 186 40.42 -10.33 -19.17
CA LEU A 186 40.29 -10.12 -17.76
C LEU A 186 38.88 -10.14 -17.36
N ALA A 187 38.03 -9.60 -18.19
CA ALA A 187 36.63 -9.61 -17.89
C ALA A 187 36.15 -11.04 -17.79
N GLU A 188 36.50 -11.88 -18.75
CA GLU A 188 36.12 -13.28 -18.70
C GLU A 188 36.79 -13.94 -17.54
N LEU A 190 37.15 -12.77 -14.92
CA LEU A 190 36.34 -12.41 -13.80
C LEU A 190 34.98 -12.76 -14.22
N LEU A 191 34.39 -13.73 -13.56
CA LEU A 191 33.09 -14.19 -13.96
C LEU A 191 33.07 -15.72 -13.78
N ASP B 2 -19.12 22.84 -8.26
CA ASP B 2 -17.74 23.21 -8.25
C ASP B 2 -17.05 22.21 -7.38
N ALA B 3 -15.76 22.35 -7.15
CA ALA B 3 -15.07 21.40 -6.33
C ALA B 3 -14.15 22.04 -5.36
N LEU B 4 -13.82 21.34 -4.31
CA LEU B 4 -12.90 21.91 -3.38
C LEU B 4 -11.89 20.87 -3.07
N ILE B 5 -10.62 21.19 -3.12
CA ILE B 5 -9.65 20.20 -2.82
C ILE B 5 -9.04 20.59 -1.55
N ALA B 7 -6.31 20.87 0.86
CA ALA B 7 -4.87 20.80 0.92
C ALA B 7 -4.21 21.55 2.09
N GLY B 8 -4.77 21.50 3.28
CA GLY B 8 -4.19 22.21 4.41
C GLY B 8 -3.36 21.52 5.45
N GLY B 9 -3.27 20.20 5.31
CA GLY B 9 -2.61 19.24 6.18
C GLY B 9 -1.14 19.05 6.28
N LYS B 10 -0.74 18.38 7.35
CA LYS B 10 0.65 18.18 7.61
C LYS B 10 1.28 16.92 7.10
N GLY B 11 0.54 16.07 6.46
CA GLY B 11 1.22 14.96 5.89
C GLY B 11 2.16 14.39 6.86
N THR B 12 1.67 14.06 8.03
CA THR B 12 2.53 13.50 9.05
C THR B 12 3.17 12.19 8.74
N ARG B 13 2.43 11.30 8.16
CA ARG B 13 2.98 10.02 7.85
C ARG B 13 4.04 10.09 6.80
N GLY B 15 6.48 12.52 6.97
CA GLY B 15 7.54 13.35 7.47
C GLY B 15 7.16 14.80 7.61
N GLY B 16 5.87 15.07 7.50
CA GLY B 16 5.37 16.41 7.61
C GLY B 16 5.39 17.24 6.36
N VAL B 17 5.68 16.62 5.25
CA VAL B 17 5.75 17.32 3.99
C VAL B 17 4.45 17.73 3.40
N GLU B 18 4.52 18.63 2.43
CA GLU B 18 3.35 19.12 1.74
C GLU B 18 3.09 18.06 0.72
N LYS B 19 2.04 17.30 0.93
CA LYS B 19 1.65 16.17 0.12
C LYS B 19 1.34 16.51 -1.29
N PRO B 20 0.62 17.58 -1.45
CA PRO B 20 0.14 18.04 -2.70
C PRO B 20 1.30 18.21 -3.55
N LEU B 21 2.45 18.42 -2.98
CA LEU B 21 3.62 18.58 -3.79
C LEU B 21 4.52 17.38 -3.97
N ILE B 22 4.23 16.27 -3.36
CA ILE B 22 5.10 15.14 -3.53
C ILE B 22 5.03 14.78 -4.96
N LYS B 23 6.13 14.37 -5.56
CA LYS B 23 6.17 14.03 -6.97
C LYS B 23 6.12 12.55 -7.29
N LEU B 24 5.19 12.17 -8.13
CA LEU B 24 5.07 10.80 -8.52
C LEU B 24 5.07 10.68 -9.99
N CYS B 25 6.08 10.05 -10.53
CA CYS B 25 6.15 9.87 -11.94
C CYS B 25 6.44 11.20 -12.56
N GLY B 26 7.06 12.05 -11.76
CA GLY B 26 7.46 13.38 -12.15
C GLY B 26 6.52 14.53 -12.07
N ARG B 27 5.34 14.30 -11.53
CA ARG B 27 4.33 15.30 -11.43
C ARG B 27 3.99 15.33 -9.99
N CYS B 28 3.50 16.46 -9.53
CA CYS B 28 3.07 16.70 -8.17
C CYS B 28 1.78 16.01 -7.94
N LEU B 29 1.52 15.57 -6.73
CA LEU B 29 0.29 14.84 -6.46
C LEU B 29 -0.98 15.56 -6.70
N ILE B 30 -0.97 16.85 -6.47
CA ILE B 30 -2.12 17.66 -6.62
C ILE B 30 -2.62 17.69 -8.03
N ASP B 31 -1.70 17.73 -8.95
CA ASP B 31 -1.96 17.79 -10.37
C ASP B 31 -2.73 16.61 -10.83
N TYR B 32 -2.50 15.48 -10.21
CA TYR B 32 -3.18 14.28 -10.58
C TYR B 32 -4.64 14.46 -10.28
N VAL B 33 -4.96 15.09 -9.18
CA VAL B 33 -6.33 15.38 -8.81
C VAL B 33 -7.04 16.41 -9.66
N VAL B 34 -6.40 17.52 -9.92
CA VAL B 34 -6.99 18.59 -10.67
C VAL B 34 -7.36 18.30 -12.10
N SER B 35 -6.52 17.57 -12.78
CA SER B 35 -6.71 17.27 -14.16
C SER B 35 -8.00 16.62 -14.42
N PRO B 36 -8.35 15.61 -13.66
CA PRO B 36 -9.62 14.92 -13.83
C PRO B 36 -10.82 15.85 -13.59
N LEU B 37 -10.67 16.78 -12.68
CA LEU B 37 -11.65 17.76 -12.35
C LEU B 37 -11.91 18.66 -13.53
N LEU B 38 -10.89 18.96 -14.29
CA LEU B 38 -11.02 19.82 -15.44
C LEU B 38 -11.88 19.25 -16.54
N LYS B 39 -11.72 17.98 -16.82
CA LYS B 39 -12.48 17.26 -17.82
C LYS B 39 -13.93 17.02 -17.51
N SER B 40 -14.18 16.92 -16.25
CA SER B 40 -15.49 16.68 -15.79
C SER B 40 -16.29 17.94 -15.85
N LYS B 41 -17.56 17.80 -15.59
CA LYS B 41 -18.52 18.85 -15.59
C LYS B 41 -18.34 19.80 -14.43
N VAL B 42 -17.50 19.46 -13.48
CA VAL B 42 -17.26 20.32 -12.37
C VAL B 42 -16.71 21.54 -12.98
N ASN B 43 -17.04 22.70 -12.46
CA ASN B 43 -16.57 23.93 -13.04
C ASN B 43 -15.41 24.62 -12.36
N ASN B 44 -15.65 25.14 -11.19
CA ASN B 44 -14.60 25.81 -10.46
C ASN B 44 -13.95 24.88 -9.49
N ILE B 45 -12.66 25.03 -9.30
CA ILE B 45 -11.93 24.21 -8.38
C ILE B 45 -11.36 25.05 -7.28
N PHE B 46 -11.62 24.75 -6.03
CA PHE B 46 -11.02 25.57 -5.01
C PHE B 46 -10.12 24.67 -4.26
N ILE B 47 -8.92 25.13 -4.02
CA ILE B 47 -7.95 24.36 -3.32
C ILE B 47 -7.69 25.04 -2.03
N ALA B 48 -7.82 24.32 -0.92
CA ALA B 48 -7.62 24.89 0.39
C ALA B 48 -6.30 24.53 0.92
N THR B 49 -5.50 25.51 1.24
CA THR B 49 -4.18 25.23 1.72
C THR B 49 -3.94 25.82 3.09
N SER B 50 -3.48 25.01 4.02
CA SER B 50 -3.20 25.42 5.37
C SER B 50 -1.89 26.12 5.45
N PRO B 51 -1.54 26.62 6.61
CA PRO B 51 -0.29 27.30 6.83
C PRO B 51 0.77 26.27 6.83
N ASN B 52 0.33 25.03 6.82
CA ASN B 52 1.14 23.81 6.76
C ASN B 52 1.74 23.57 5.37
N THR B 53 1.14 24.23 4.40
CA THR B 53 1.46 24.15 2.99
C THR B 53 1.57 25.49 2.25
N PRO B 54 2.56 26.31 2.55
CA PRO B 54 2.73 27.60 1.90
C PRO B 54 3.07 27.47 0.44
N LYS B 55 3.84 26.44 0.16
CA LYS B 55 4.31 26.03 -1.14
C LYS B 55 3.19 25.58 -2.05
N THR B 56 2.21 24.90 -1.52
CA THR B 56 1.14 24.39 -2.33
C THR B 56 0.46 25.54 -2.98
N LYS B 57 0.21 26.56 -2.20
CA LYS B 57 -0.43 27.74 -2.69
C LYS B 57 0.37 28.42 -3.73
N GLU B 58 1.64 28.50 -3.51
CA GLU B 58 2.42 29.19 -4.45
C GLU B 58 2.35 28.49 -5.74
N TYR B 59 2.50 27.18 -5.70
CA TYR B 59 2.50 26.42 -6.91
C TYR B 59 1.21 26.53 -7.58
N ILE B 60 0.16 26.46 -6.82
CA ILE B 60 -1.07 26.56 -7.51
C ILE B 60 -1.16 27.88 -8.16
N ASN B 61 -0.81 28.92 -7.46
CA ASN B 61 -1.00 30.10 -8.17
C ASN B 61 -0.15 30.23 -9.41
N SER B 62 1.12 29.91 -9.35
CA SER B 62 1.80 30.11 -10.61
C SER B 62 1.36 29.26 -11.71
N ALA B 63 1.21 28.01 -11.35
CA ALA B 63 0.99 26.98 -12.29
C ALA B 63 -0.26 27.15 -12.98
N TYR B 64 -1.18 27.55 -12.17
CA TYR B 64 -2.54 27.64 -12.56
C TYR B 64 -2.98 29.03 -12.79
N LYS B 65 -2.04 29.92 -12.88
CA LYS B 65 -2.37 31.31 -12.86
C LYS B 65 -3.29 31.69 -13.92
N ASP B 66 -3.14 31.12 -15.10
CA ASP B 66 -4.07 31.59 -16.10
C ASP B 66 -5.12 30.54 -16.18
N TYR B 67 -6.03 30.55 -15.25
CA TYR B 67 -7.04 29.54 -15.13
C TYR B 67 -8.24 29.95 -14.31
N LYS B 68 -9.13 28.96 -14.20
CA LYS B 68 -10.43 28.98 -13.53
C LYS B 68 -10.50 28.34 -12.18
N ASN B 69 -9.39 28.23 -11.50
CA ASN B 69 -9.43 27.65 -10.22
C ASN B 69 -8.65 28.40 -9.16
N ILE B 70 -9.37 28.83 -8.13
CA ILE B 70 -8.87 29.55 -7.00
C ILE B 70 -8.34 28.70 -5.90
N VAL B 71 -7.69 29.32 -4.94
CA VAL B 71 -7.15 28.66 -3.78
C VAL B 71 -7.75 29.29 -2.55
N VAL B 72 -8.68 28.65 -1.87
CA VAL B 72 -9.25 29.20 -0.64
C VAL B 72 -8.22 29.09 0.45
N ILE B 73 -8.35 29.85 1.49
CA ILE B 73 -7.34 29.81 2.53
C ILE B 73 -7.85 29.50 3.95
N ASP B 74 -7.48 28.31 4.49
CA ASP B 74 -7.87 27.76 5.81
C ASP B 74 -6.71 27.69 6.78
N THR B 75 -6.84 26.88 7.83
CA THR B 75 -5.81 26.67 8.84
C THR B 75 -5.64 25.18 9.16
N GLU B 82 -10.95 17.30 6.77
CA GLU B 82 -10.84 18.11 7.98
C GLU B 82 -11.94 19.13 8.07
N ASP B 83 -12.82 18.92 9.02
CA ASP B 83 -14.03 19.70 9.21
C ASP B 83 -13.86 21.12 9.61
N LEU B 84 -12.66 21.47 10.00
CA LEU B 84 -12.45 22.80 10.41
C LEU B 84 -12.44 23.65 9.17
N ASN B 85 -12.89 23.09 8.06
CA ASN B 85 -12.99 23.81 6.81
C ASN B 85 -14.13 24.86 6.82
N GLU B 86 -13.73 26.10 6.57
CA GLU B 86 -14.56 27.27 6.60
C GLU B 86 -14.74 27.79 5.20
N CYS B 87 -14.74 26.88 4.25
CA CYS B 87 -14.86 27.21 2.87
C CYS B 87 -16.22 27.19 2.32
N ILE B 88 -17.18 26.88 3.13
CA ILE B 88 -18.50 26.76 2.59
C ILE B 88 -19.03 28.02 1.97
N GLY B 89 -18.49 29.14 2.38
CA GLY B 89 -18.96 30.42 1.93
C GLY B 89 -18.76 30.67 0.48
N TYR B 90 -17.96 29.83 -0.13
CA TYR B 90 -17.60 29.97 -1.52
C TYR B 90 -18.45 29.14 -2.39
N PHE B 91 -19.48 28.59 -1.81
CA PHE B 91 -20.33 27.72 -2.55
C PHE B 91 -21.80 28.11 -2.60
N SER B 92 -22.40 28.03 -3.77
CA SER B 92 -23.80 28.32 -3.94
C SER B 92 -24.65 27.08 -3.89
N GLU B 93 -24.03 25.93 -3.83
CA GLU B 93 -24.72 24.68 -3.79
C GLU B 93 -23.76 23.66 -3.32
N PRO B 94 -24.19 22.41 -3.37
CA PRO B 94 -23.41 21.24 -3.01
C PRO B 94 -22.21 21.06 -3.93
N PHE B 95 -21.09 20.73 -3.33
CA PHE B 95 -19.87 20.59 -4.07
C PHE B 95 -19.07 19.41 -3.75
N LEU B 96 -18.26 18.99 -4.70
CA LEU B 96 -17.42 17.86 -4.55
C LEU B 96 -16.25 18.18 -3.70
N VAL B 97 -15.94 17.33 -2.75
CA VAL B 97 -14.80 17.56 -1.95
C VAL B 97 -13.88 16.37 -2.01
N VAL B 98 -12.63 16.60 -2.40
CA VAL B 98 -11.65 15.55 -2.55
C VAL B 98 -10.35 15.95 -1.95
N SER B 99 -9.51 15.00 -1.66
CA SER B 99 -8.19 15.19 -1.15
C SER B 99 -7.20 15.42 -2.26
N SER B 100 -6.02 15.86 -1.94
CA SER B 100 -5.00 16.15 -2.91
C SER B 100 -4.14 14.97 -3.14
N ASP B 101 -4.55 13.84 -2.63
CA ASP B 101 -3.78 12.63 -2.72
C ASP B 101 -4.37 11.48 -3.49
N LEU B 102 -5.21 11.76 -4.48
CA LEU B 102 -5.87 10.72 -5.23
C LEU B 102 -5.25 10.31 -6.55
N ILE B 103 -5.34 9.04 -6.84
CA ILE B 103 -4.81 8.48 -8.04
C ILE B 103 -5.88 7.71 -8.75
N ASN B 104 -5.80 7.71 -10.06
CA ASN B 104 -6.75 7.05 -10.95
C ASN B 104 -8.18 7.48 -10.84
N LEU B 105 -8.34 8.76 -10.64
CA LEU B 105 -9.64 9.36 -10.56
C LEU B 105 -9.87 9.90 -11.93
N LYS B 106 -11.05 9.67 -12.44
CA LYS B 106 -11.40 10.08 -13.74
C LYS B 106 -12.67 10.84 -13.77
N SER B 107 -12.89 11.62 -14.80
CA SER B 107 -14.08 12.40 -14.97
C SER B 107 -15.35 11.60 -15.17
N LYS B 108 -15.23 10.56 -15.96
CA LYS B 108 -16.35 9.77 -16.27
C LYS B 108 -16.80 9.35 -14.91
N ILE B 109 -15.91 8.91 -14.07
CA ILE B 109 -16.24 8.52 -12.73
C ILE B 109 -16.71 9.68 -11.91
N ILE B 110 -15.97 10.76 -11.92
CA ILE B 110 -16.36 11.92 -11.19
C ILE B 110 -17.61 12.32 -11.81
N ASN B 111 -17.68 12.17 -13.10
CA ASN B 111 -18.88 12.58 -13.74
C ASN B 111 -20.06 11.79 -13.21
N SER B 112 -19.86 10.50 -12.99
CA SER B 112 -20.84 9.57 -12.49
C SER B 112 -21.31 9.91 -11.09
N ILE B 113 -20.40 10.27 -10.23
CA ILE B 113 -20.68 10.65 -8.89
C ILE B 113 -21.53 11.86 -8.86
N VAL B 114 -21.31 12.82 -9.71
CA VAL B 114 -22.13 14.02 -9.72
C VAL B 114 -23.54 13.71 -10.14
N ASP B 115 -23.68 12.91 -11.17
CA ASP B 115 -24.99 12.56 -11.67
C ASP B 115 -25.81 11.86 -10.67
N TYR B 116 -25.20 10.94 -9.96
CA TYR B 116 -25.78 10.17 -8.90
C TYR B 116 -26.21 10.97 -7.70
N PHE B 117 -25.47 11.97 -7.28
CA PHE B 117 -25.93 12.66 -6.12
C PHE B 117 -27.29 13.25 -6.36
N TYR B 118 -27.44 13.93 -7.47
CA TYR B 118 -28.71 14.51 -7.83
C TYR B 118 -29.79 13.47 -8.10
N CYS B 119 -29.45 12.35 -8.69
CA CYS B 119 -30.47 11.37 -9.00
C CYS B 119 -31.13 10.91 -7.73
N ILE B 120 -30.30 10.67 -6.75
CA ILE B 120 -30.64 10.25 -5.41
C ILE B 120 -31.43 11.21 -4.60
N LYS B 121 -31.00 12.46 -4.64
CA LYS B 121 -31.62 13.53 -3.89
C LYS B 121 -32.96 13.76 -4.49
N ALA B 122 -33.14 13.20 -5.67
CA ALA B 122 -34.40 13.29 -6.37
C ALA B 122 -35.40 12.51 -5.58
N LYS B 123 -35.00 11.30 -5.22
CA LYS B 123 -35.82 10.41 -4.43
C LYS B 123 -35.95 10.80 -2.99
N THR B 124 -34.85 11.17 -2.38
CA THR B 124 -34.88 11.58 -1.00
C THR B 124 -34.23 12.91 -0.83
N PRO B 125 -35.01 13.94 -0.73
CA PRO B 125 -34.52 15.28 -0.57
C PRO B 125 -33.87 15.53 0.72
N ASP B 126 -33.97 14.62 1.66
CA ASP B 126 -33.38 14.81 2.98
C ASP B 126 -31.87 14.86 3.04
N VAL B 127 -31.18 14.08 2.21
CA VAL B 127 -29.71 14.02 2.19
C VAL B 127 -29.03 15.22 1.60
N GLU B 128 -28.03 15.73 2.33
CA GLU B 128 -27.25 16.87 1.94
C GLU B 128 -25.79 16.61 1.60
N ALA B 129 -25.33 15.38 1.79
CA ALA B 129 -23.98 14.96 1.56
C ALA B 129 -23.86 13.58 0.98
N LEU B 130 -22.78 13.28 0.29
CA LEU B 130 -22.59 11.96 -0.27
C LEU B 130 -21.16 11.45 -0.12
N ALA B 131 -20.98 10.23 0.30
CA ALA B 131 -19.66 9.69 0.48
C ALA B 131 -19.49 8.51 -0.38
N VAL B 132 -18.37 8.42 -1.09
CA VAL B 132 -18.12 7.30 -1.98
C VAL B 132 -17.11 6.39 -1.38
N ILE B 134 -15.25 2.40 -1.67
CA ILE B 134 -14.73 1.42 -2.55
C ILE B 134 -14.71 0.15 -1.81
N PRO B 135 -15.01 -0.93 -2.51
CA PRO B 135 -15.00 -2.24 -1.92
C PRO B 135 -13.64 -2.57 -1.48
N LYS B 136 -13.52 -3.13 -0.31
CA LYS B 136 -12.24 -3.45 0.20
C LYS B 136 -11.53 -4.44 -0.66
N GLU B 137 -12.26 -5.24 -1.42
CA GLU B 137 -11.68 -6.24 -2.31
C GLU B 137 -10.86 -5.59 -3.42
N LYS B 138 -11.35 -4.47 -3.87
CA LYS B 138 -10.70 -3.67 -4.86
C LYS B 138 -9.47 -2.87 -4.42
N TYR B 139 -9.39 -2.56 -3.15
CA TYR B 139 -8.36 -1.73 -2.58
C TYR B 139 -7.26 -2.44 -1.81
N PRO B 140 -6.06 -1.89 -1.83
CA PRO B 140 -4.94 -2.51 -1.17
C PRO B 140 -4.37 -1.86 0.09
N ASN B 141 -4.33 -2.61 1.15
CA ASN B 141 -3.83 -2.08 2.35
C ASN B 141 -4.56 -0.84 2.67
N PRO B 142 -5.87 -0.90 2.70
CA PRO B 142 -6.60 0.30 3.01
C PRO B 142 -6.24 0.75 4.34
N SER B 143 -6.03 2.01 4.46
CA SER B 143 -5.71 2.59 5.71
C SER B 143 -6.90 2.44 6.60
N ILE B 144 -8.06 2.55 5.99
CA ILE B 144 -9.31 2.46 6.69
C ILE B 144 -10.29 1.52 6.04
N ASP B 145 -10.88 0.61 6.82
CA ASP B 145 -11.91 -0.31 6.37
C ASP B 145 -13.10 -0.15 7.26
N PHE B 146 -14.25 0.05 6.67
CA PHE B 146 -15.43 0.27 7.44
C PHE B 146 -16.49 -0.66 6.99
N ASN B 147 -16.38 -1.91 7.40
CA ASN B 147 -17.32 -2.91 7.00
C ASN B 147 -17.22 -3.39 5.61
N GLY B 148 -16.02 -3.50 5.08
CA GLY B 148 -15.83 -3.93 3.72
C GLY B 148 -15.90 -2.82 2.72
N LEU B 149 -15.83 -1.61 3.24
CA LEU B 149 -15.87 -0.41 2.48
C LEU B 149 -14.73 0.47 2.79
N VAL B 150 -14.09 0.96 1.76
CA VAL B 150 -12.99 1.84 1.93
C VAL B 150 -13.34 3.16 1.35
N PRO B 151 -13.09 4.19 2.10
CA PRO B 151 -13.37 5.53 1.66
C PRO B 151 -12.44 6.02 0.59
N ALA B 152 -13.02 6.58 -0.44
CA ALA B 152 -12.30 7.09 -1.57
C ALA B 152 -11.79 8.50 -1.46
N ASP B 153 -12.16 9.22 -0.41
CA ASP B 153 -11.73 10.59 -0.23
C ASP B 153 -12.33 11.58 -1.19
N ILE B 154 -13.48 11.22 -1.70
CA ILE B 154 -14.21 12.00 -2.61
C ILE B 154 -15.59 12.09 -2.06
N ASN B 155 -16.10 13.28 -1.77
CA ASN B 155 -17.44 13.45 -1.25
C ASN B 155 -18.18 14.66 -1.75
N VAL B 156 -19.50 14.60 -1.67
CA VAL B 156 -20.38 15.70 -2.04
C VAL B 156 -20.94 16.31 -0.77
N VAL B 157 -20.85 17.61 -0.66
CA VAL B 157 -21.29 18.30 0.52
C VAL B 157 -22.14 19.46 0.15
N SER B 158 -23.00 19.83 1.08
CA SER B 158 -23.94 20.91 0.94
C SER B 158 -23.39 22.00 1.77
N PRO B 159 -23.59 23.24 1.41
CA PRO B 159 -23.03 24.34 2.18
C PRO B 159 -23.85 24.78 3.38
N LYS B 160 -23.64 24.08 4.50
CA LYS B 160 -24.30 24.24 5.75
C LYS B 160 -23.33 23.85 6.79
N HIS B 161 -23.66 24.15 8.04
CA HIS B 161 -22.87 23.84 9.20
C HIS B 161 -23.47 22.87 10.20
N GLY B 162 -24.34 21.98 9.74
CA GLY B 162 -25.01 21.09 10.64
C GLY B 162 -24.97 19.65 10.26
N TYR B 163 -25.65 18.82 11.03
CA TYR B 163 -25.66 17.43 10.73
C TYR B 163 -26.20 17.36 9.38
N GLN B 164 -25.50 16.71 8.47
CA GLN B 164 -25.99 16.58 7.13
C GLN B 164 -26.40 15.17 6.81
N LYS B 165 -27.62 14.94 6.35
CA LYS B 165 -28.01 13.59 6.07
C LYS B 165 -27.08 13.07 4.98
N GLU B 166 -26.35 12.02 5.27
CA GLU B 166 -25.39 11.45 4.36
C GLU B 166 -25.78 10.10 3.86
N GLU B 167 -25.36 9.78 2.66
CA GLU B 167 -25.71 8.53 2.06
C GLU B 167 -24.49 8.00 1.45
N ILE B 168 -24.52 6.76 1.00
CA ILE B 168 -23.33 6.14 0.45
C ILE B 168 -23.37 5.68 -0.97
N VAL B 170 -21.12 3.36 -3.62
CA VAL B 170 -20.05 2.41 -3.73
C VAL B 170 -19.71 2.18 -5.19
N ILE B 171 -18.44 2.27 -5.53
CA ILE B 171 -18.03 2.09 -6.89
C ILE B 171 -17.04 0.99 -6.98
N ASP B 172 -17.09 0.29 -8.08
CA ASP B 172 -16.31 -0.88 -8.35
C ASP B 172 -15.01 -0.58 -9.03
N GLU B 173 -14.63 0.66 -9.00
CA GLU B 173 -13.38 1.01 -9.60
C GLU B 173 -12.49 1.48 -8.50
N LEU B 174 -11.20 1.30 -8.68
CA LEU B 174 -10.26 1.74 -7.71
C LEU B 174 -9.70 3.15 -7.92
N ILE B 175 -9.89 3.98 -6.90
CA ILE B 175 -9.39 5.31 -6.84
C ILE B 175 -8.53 5.18 -5.62
N PHE B 176 -7.22 5.30 -5.75
CA PHE B 176 -6.31 5.14 -4.62
C PHE B 176 -5.80 6.45 -4.05
N ASN B 177 -5.76 6.58 -2.75
CA ASN B 177 -5.27 7.77 -2.13
C ASN B 177 -4.08 7.46 -1.27
N ILE B 178 -3.14 8.35 -1.28
CA ILE B 178 -1.89 8.17 -0.60
C ILE B 178 -1.72 8.78 0.73
N ASN B 179 -1.34 8.00 1.73
CA ASN B 179 -1.08 8.56 3.02
C ASN B 179 0.31 8.23 3.42
N THR B 180 0.87 7.23 2.79
CA THR B 180 2.20 6.75 3.13
C THR B 180 3.08 6.58 1.97
N LYS B 181 4.36 6.43 2.27
CA LYS B 181 5.44 6.22 1.32
C LYS B 181 5.30 4.93 0.55
N ASP B 182 4.85 3.91 1.23
CA ASP B 182 4.61 2.62 0.65
C ASP B 182 3.44 2.83 -0.24
N ASP B 183 2.63 3.80 0.12
CA ASP B 183 1.42 4.18 -0.61
C ASP B 183 1.88 4.68 -1.91
N LEU B 184 3.06 5.24 -1.92
CA LEU B 184 3.65 5.78 -3.12
C LEU B 184 3.96 4.72 -4.17
N LYS B 185 4.39 3.56 -3.74
CA LYS B 185 4.71 2.49 -4.64
C LYS B 185 3.52 1.92 -5.36
N LEU B 186 2.46 1.65 -4.64
CA LEU B 186 1.27 1.09 -5.23
C LEU B 186 0.65 2.02 -6.21
N ALA B 187 0.77 3.31 -5.96
CA ALA B 187 0.28 4.36 -6.83
C ALA B 187 0.99 4.41 -8.13
N GLU B 188 2.30 4.28 -8.06
CA GLU B 188 3.14 4.30 -9.22
C GLU B 188 2.76 3.11 -10.01
N LEU B 190 -0.03 1.97 -10.33
CA LEU B 190 -1.23 2.23 -11.08
C LEU B 190 -0.97 3.10 -12.25
N LEU B 191 -0.14 4.09 -12.04
CA LEU B 191 0.15 4.97 -13.11
C LEU B 191 0.81 4.28 -14.31
N ASP C 2 2.81 -9.75 -13.07
CA ASP C 2 3.35 -9.50 -11.77
C ASP C 2 3.55 -10.78 -11.02
N ALA C 3 4.01 -10.70 -9.80
CA ALA C 3 4.23 -11.91 -9.05
C ALA C 3 3.74 -11.90 -7.65
N LEU C 4 3.28 -13.02 -7.14
CA LEU C 4 2.85 -13.01 -5.80
C LEU C 4 3.72 -14.01 -5.13
N ILE C 5 4.34 -13.67 -4.03
CA ILE C 5 5.16 -14.63 -3.37
C ILE C 5 4.42 -14.94 -2.16
N ALA C 7 4.12 -15.98 1.48
CA ALA C 7 4.92 -16.10 2.68
C ALA C 7 4.19 -16.02 4.00
N GLY C 8 3.00 -16.53 4.09
CA GLY C 8 2.26 -16.46 5.32
C GLY C 8 2.06 -17.72 6.12
N GLY C 9 2.72 -18.80 5.73
CA GLY C 9 2.58 -20.07 6.42
C GLY C 9 3.53 -20.35 7.55
N LYS C 10 3.26 -21.40 8.30
CA LYS C 10 4.18 -21.78 9.35
C LYS C 10 4.88 -23.02 8.85
N GLY C 11 6.11 -23.30 9.24
CA GLY C 11 6.75 -24.45 8.68
C GLY C 11 6.36 -25.63 9.49
N THR C 12 5.41 -26.40 8.98
CA THR C 12 4.93 -27.54 9.72
C THR C 12 6.02 -28.51 9.92
N ARG C 13 6.73 -28.82 8.85
CA ARG C 13 7.79 -29.78 8.95
C ARG C 13 9.16 -29.22 9.28
N GLY C 15 9.39 -27.50 11.96
CA GLY C 15 9.29 -27.34 13.38
C GLY C 15 8.69 -26.02 13.80
N GLY C 16 8.22 -25.21 12.87
CA GLY C 16 7.65 -23.91 13.19
C GLY C 16 8.65 -22.79 13.09
N VAL C 17 8.84 -22.26 11.91
CA VAL C 17 9.82 -21.23 11.74
C VAL C 17 9.32 -20.53 10.54
N GLU C 18 9.75 -19.32 10.28
CA GLU C 18 9.32 -18.64 9.08
C GLU C 18 10.28 -19.13 8.08
N LYS C 19 9.85 -20.09 7.29
CA LYS C 19 10.66 -20.72 6.32
C LYS C 19 11.21 -19.66 5.43
N PRO C 20 10.46 -18.61 5.33
CA PRO C 20 10.77 -17.47 4.49
C PRO C 20 12.05 -16.80 4.88
N LEU C 21 12.35 -16.71 6.15
CA LEU C 21 13.56 -16.08 6.63
C LEU C 21 14.66 -17.03 7.00
N ILE C 22 14.43 -18.32 6.84
CA ILE C 22 15.46 -19.29 7.15
C ILE C 22 16.60 -19.11 6.18
N LYS C 23 17.83 -19.22 6.65
CA LYS C 23 18.99 -18.96 5.83
C LYS C 23 19.74 -20.06 5.17
N LEU C 24 19.94 -19.96 3.89
CA LEU C 24 20.67 -20.97 3.19
C LEU C 24 21.91 -20.38 2.60
N CYS C 25 23.05 -20.87 3.04
CA CYS C 25 24.34 -20.42 2.58
C CYS C 25 24.39 -18.95 2.87
N GLY C 26 23.78 -18.52 3.95
CA GLY C 26 23.79 -17.14 4.30
C GLY C 26 22.80 -16.19 3.65
N ARG C 27 21.89 -16.73 2.86
CA ARG C 27 20.87 -15.93 2.23
C ARG C 27 19.52 -16.45 2.62
N CYS C 28 18.62 -15.53 2.91
CA CYS C 28 17.26 -15.84 3.27
C CYS C 28 16.64 -16.49 2.07
N LEU C 29 15.78 -17.45 2.28
CA LEU C 29 15.27 -18.17 1.19
C LEU C 29 14.54 -17.36 0.21
N ILE C 30 13.79 -16.39 0.68
CA ILE C 30 12.98 -15.56 -0.18
C ILE C 30 13.79 -14.85 -1.20
N ASP C 31 14.96 -14.45 -0.76
CA ASP C 31 15.89 -13.68 -1.52
C ASP C 31 16.19 -14.47 -2.71
N TYR C 32 16.15 -15.77 -2.60
CA TYR C 32 16.41 -16.59 -3.75
C TYR C 32 15.36 -16.35 -4.78
N VAL C 33 14.12 -16.23 -4.33
CA VAL C 33 12.99 -15.98 -5.19
C VAL C 33 12.92 -14.62 -5.82
N VAL C 34 13.15 -13.61 -5.02
CA VAL C 34 13.06 -12.23 -5.44
C VAL C 34 14.01 -11.73 -6.44
N SER C 35 15.22 -12.17 -6.31
CA SER C 35 16.25 -11.72 -7.14
C SER C 35 15.97 -12.07 -8.52
N PRO C 36 15.58 -13.30 -8.76
CA PRO C 36 15.28 -13.80 -10.08
C PRO C 36 14.10 -13.08 -10.70
N LEU C 37 13.13 -12.77 -9.86
CA LEU C 37 11.95 -12.05 -10.26
C LEU C 37 12.33 -10.67 -10.68
N LEU C 38 13.33 -10.12 -10.05
CA LEU C 38 13.77 -8.81 -10.41
C LEU C 38 14.36 -8.72 -11.76
N LYS C 39 15.26 -9.60 -12.11
CA LYS C 39 15.87 -9.56 -13.41
C LYS C 39 14.86 -10.02 -14.35
N SER C 40 13.81 -10.48 -13.77
CA SER C 40 12.71 -11.00 -14.50
C SER C 40 11.82 -9.98 -15.17
N LYS C 41 11.06 -10.42 -16.14
CA LYS C 41 10.16 -9.56 -16.84
C LYS C 41 9.09 -9.13 -15.90
N VAL C 42 9.04 -9.73 -14.74
CA VAL C 42 8.00 -9.39 -13.82
C VAL C 42 8.18 -7.99 -13.27
N ASN C 43 7.20 -7.15 -13.50
CA ASN C 43 7.21 -5.81 -13.03
C ASN C 43 7.14 -5.65 -11.57
N ASN C 44 6.23 -6.33 -10.95
CA ASN C 44 6.02 -6.17 -9.54
C ASN C 44 5.97 -7.46 -8.79
N ILE C 45 6.39 -7.42 -7.55
CA ILE C 45 6.42 -8.57 -6.70
C ILE C 45 5.66 -8.26 -5.43
N PHE C 46 4.65 -9.04 -5.13
CA PHE C 46 3.86 -8.83 -3.97
C PHE C 46 4.12 -9.98 -3.05
N ILE C 47 4.32 -9.70 -1.80
CA ILE C 47 4.63 -10.76 -0.90
C ILE C 47 3.57 -10.85 0.14
N ALA C 48 2.94 -12.00 0.20
CA ALA C 48 1.85 -12.25 1.12
C ALA C 48 2.28 -12.84 2.44
N THR C 49 2.05 -12.12 3.51
CA THR C 49 2.41 -12.57 4.85
C THR C 49 1.26 -12.84 5.83
N SER C 50 1.31 -14.00 6.42
CA SER C 50 0.33 -14.46 7.33
C SER C 50 0.65 -13.86 8.63
N PRO C 51 -0.22 -14.01 9.61
CA PRO C 51 0.06 -13.42 10.90
C PRO C 51 1.32 -14.08 11.38
N ASN C 52 1.45 -15.36 11.09
CA ASN C 52 2.65 -16.09 11.39
C ASN C 52 3.51 -15.50 10.33
N THR C 53 4.82 -15.52 10.46
CA THR C 53 5.55 -14.91 9.38
C THR C 53 5.73 -13.39 9.38
N PRO C 54 5.45 -12.80 10.51
CA PRO C 54 5.62 -11.36 10.74
C PRO C 54 7.05 -10.90 10.64
N LYS C 55 7.98 -11.67 11.12
CA LYS C 55 9.33 -11.23 11.11
C LYS C 55 9.62 -11.05 9.67
N THR C 56 9.04 -11.91 8.88
CA THR C 56 9.23 -11.90 7.46
C THR C 56 8.83 -10.54 6.90
N LYS C 57 7.78 -9.96 7.41
CA LYS C 57 7.34 -8.69 6.92
C LYS C 57 8.34 -7.69 7.27
N GLU C 58 8.73 -7.70 8.50
CA GLU C 58 9.66 -6.69 8.93
C GLU C 58 10.91 -6.75 8.11
N TYR C 59 11.42 -7.94 7.85
CA TYR C 59 12.63 -8.03 7.10
C TYR C 59 12.44 -7.51 5.72
N ILE C 60 11.33 -7.87 5.15
CA ILE C 60 11.00 -7.51 3.82
C ILE C 60 10.82 -6.04 3.58
N ASN C 61 10.06 -5.37 4.42
CA ASN C 61 9.89 -3.94 4.22
C ASN C 61 11.18 -3.22 4.50
N SER C 62 11.83 -3.59 5.57
CA SER C 62 13.06 -2.96 5.86
C SER C 62 14.17 -3.22 4.87
N ALA C 63 14.44 -4.46 4.56
CA ALA C 63 15.51 -4.74 3.65
C ALA C 63 15.33 -4.27 2.22
N TYR C 64 14.17 -4.49 1.66
CA TYR C 64 13.90 -4.14 0.28
C TYR C 64 13.01 -2.95 0.26
N LYS C 65 13.19 -2.08 1.21
CA LYS C 65 12.32 -0.93 1.34
C LYS C 65 12.27 0.07 0.22
N ASP C 66 13.39 0.38 -0.39
CA ASP C 66 13.44 1.36 -1.45
C ASP C 66 13.14 0.88 -2.83
N TYR C 67 12.68 -0.34 -2.95
CA TYR C 67 12.34 -0.92 -4.22
C TYR C 67 10.90 -0.54 -4.55
N LYS C 68 10.28 -1.28 -5.45
CA LYS C 68 8.87 -1.14 -5.82
C LYS C 68 8.28 -2.55 -5.77
N ASN C 69 8.11 -3.01 -4.55
CA ASN C 69 7.56 -4.29 -4.19
C ASN C 69 6.74 -4.03 -2.99
N ILE C 70 5.65 -4.74 -2.84
CA ILE C 70 4.77 -4.50 -1.75
C ILE C 70 4.40 -5.74 -1.03
N VAL C 71 3.91 -5.55 0.18
CA VAL C 71 3.53 -6.59 1.10
C VAL C 71 2.05 -6.75 1.50
N VAL C 72 1.37 -7.63 0.78
CA VAL C 72 -0.02 -7.95 0.97
C VAL C 72 -0.17 -8.48 2.34
N ILE C 73 -1.39 -8.86 2.69
CA ILE C 73 -1.65 -9.39 4.00
C ILE C 73 -3.04 -9.98 4.08
N ASP C 83 -3.83 -21.05 0.29
CA ASP C 83 -4.98 -21.13 -0.62
C ASP C 83 -6.04 -20.07 -0.35
N LEU C 84 -5.70 -19.07 0.47
CA LEU C 84 -6.53 -17.90 0.76
C LEU C 84 -6.65 -16.92 -0.40
N ASN C 85 -5.51 -16.45 -0.92
CA ASN C 85 -5.63 -15.57 -2.06
C ASN C 85 -6.65 -14.44 -1.98
N GLU C 86 -6.51 -13.64 -0.94
CA GLU C 86 -7.26 -12.46 -0.68
C GLU C 86 -6.67 -11.51 -1.65
N CYS C 87 -5.52 -11.91 -2.14
CA CYS C 87 -4.70 -11.13 -3.05
C CYS C 87 -5.11 -11.11 -4.46
N ILE C 88 -5.98 -11.99 -4.84
CA ILE C 88 -6.30 -12.02 -6.22
C ILE C 88 -6.80 -10.65 -6.57
N GLY C 89 -7.14 -9.87 -5.57
CA GLY C 89 -7.72 -8.57 -5.79
C GLY C 89 -6.77 -7.51 -6.25
N TYR C 90 -5.51 -7.85 -6.21
CA TYR C 90 -4.46 -6.92 -6.55
C TYR C 90 -4.00 -7.01 -7.95
N PHE C 91 -4.73 -7.73 -8.77
CA PHE C 91 -4.30 -7.88 -10.12
C PHE C 91 -5.39 -7.86 -11.10
N SER C 92 -5.01 -7.47 -12.30
CA SER C 92 -5.87 -7.40 -13.45
C SER C 92 -5.36 -8.27 -14.54
N GLU C 93 -4.31 -8.99 -14.27
CA GLU C 93 -3.77 -9.82 -15.28
C GLU C 93 -3.34 -11.02 -14.55
N PRO C 94 -3.03 -12.08 -15.29
CA PRO C 94 -2.53 -13.30 -14.72
C PRO C 94 -1.18 -12.95 -14.17
N PHE C 95 -0.78 -13.59 -13.11
CA PHE C 95 0.45 -13.30 -12.46
C PHE C 95 0.99 -14.58 -12.04
N LEU C 96 2.19 -14.59 -11.50
CA LEU C 96 2.83 -15.79 -11.09
C LEU C 96 2.70 -15.96 -9.64
N VAL C 97 2.34 -17.15 -9.22
CA VAL C 97 2.21 -17.40 -7.82
C VAL C 97 3.36 -18.30 -7.57
N VAL C 98 4.19 -17.93 -6.63
CA VAL C 98 5.32 -18.72 -6.35
C VAL C 98 5.48 -18.76 -4.91
N SER C 99 6.15 -19.78 -4.46
CA SER C 99 6.42 -19.91 -3.05
C SER C 99 7.68 -19.15 -2.66
N SER C 100 7.96 -19.10 -1.38
CA SER C 100 9.13 -18.40 -0.93
C SER C 100 10.27 -19.34 -0.62
N ASP C 101 10.17 -20.58 -1.07
CA ASP C 101 11.17 -21.58 -0.82
C ASP C 101 11.86 -22.17 -2.03
N LEU C 102 11.63 -21.58 -3.19
CA LEU C 102 12.20 -22.01 -4.42
C LEU C 102 13.66 -21.76 -4.49
N ILE C 103 14.36 -22.74 -5.04
CA ILE C 103 15.78 -22.72 -5.21
C ILE C 103 16.20 -22.91 -6.66
N ASN C 104 17.15 -22.13 -7.08
CA ASN C 104 17.60 -22.20 -8.42
C ASN C 104 16.59 -21.86 -9.47
N LEU C 105 15.82 -20.85 -9.23
CA LEU C 105 14.84 -20.39 -10.14
C LEU C 105 15.54 -19.28 -10.88
N LYS C 106 15.42 -19.20 -12.17
CA LYS C 106 16.15 -18.17 -12.84
C LYS C 106 15.29 -17.34 -13.71
N SER C 107 15.68 -16.12 -13.96
CA SER C 107 14.85 -15.23 -14.74
C SER C 107 14.57 -15.74 -16.11
N LYS C 108 15.56 -16.34 -16.69
CA LYS C 108 15.41 -16.82 -17.99
C LYS C 108 14.33 -17.78 -17.89
N ILE C 109 14.32 -18.53 -16.83
CA ILE C 109 13.27 -19.49 -16.69
C ILE C 109 11.91 -18.83 -16.57
N ILE C 110 11.84 -17.78 -15.79
CA ILE C 110 10.60 -17.08 -15.58
C ILE C 110 10.09 -16.50 -16.86
N ASN C 111 10.98 -15.99 -17.66
CA ASN C 111 10.60 -15.40 -18.92
C ASN C 111 9.94 -16.38 -19.84
N SER C 112 10.43 -17.61 -19.82
CA SER C 112 9.90 -18.69 -20.64
C SER C 112 8.48 -19.08 -20.31
N ILE C 113 8.19 -19.15 -19.04
CA ILE C 113 6.87 -19.47 -18.56
C ILE C 113 5.86 -18.46 -19.00
N VAL C 114 6.19 -17.18 -18.85
CA VAL C 114 5.25 -16.15 -19.20
C VAL C 114 4.96 -16.24 -20.65
N ASP C 115 6.00 -16.38 -21.42
CA ASP C 115 5.85 -16.46 -22.83
C ASP C 115 5.10 -17.69 -23.26
N TYR C 116 5.37 -18.82 -22.65
CA TYR C 116 4.69 -20.00 -23.05
C TYR C 116 3.22 -19.79 -22.81
N PHE C 117 2.90 -19.27 -21.63
CA PHE C 117 1.54 -19.07 -21.25
C PHE C 117 0.84 -18.15 -22.17
N TYR C 118 1.45 -17.04 -22.49
CA TYR C 118 0.79 -16.12 -23.37
C TYR C 118 0.64 -16.83 -24.67
N CYS C 119 1.56 -17.73 -24.94
CA CYS C 119 1.53 -18.50 -26.15
C CYS C 119 0.32 -19.42 -26.20
N ILE C 120 0.11 -20.09 -25.09
CA ILE C 120 -0.96 -21.02 -24.87
C ILE C 120 -2.32 -20.42 -24.78
N LYS C 121 -2.37 -19.22 -24.31
CA LYS C 121 -3.65 -18.57 -24.15
C LYS C 121 -3.95 -17.92 -25.45
N ALA C 122 -2.99 -17.87 -26.34
CA ALA C 122 -3.32 -17.26 -27.59
C ALA C 122 -4.31 -18.27 -28.12
N LYS C 123 -3.92 -19.52 -28.18
CA LYS C 123 -4.83 -20.52 -28.67
C LYS C 123 -5.73 -21.09 -27.61
N THR C 124 -5.37 -20.82 -26.39
CA THR C 124 -6.04 -21.34 -25.23
C THR C 124 -6.85 -20.29 -24.53
N PRO C 125 -7.53 -19.51 -25.32
CA PRO C 125 -8.26 -18.37 -24.79
C PRO C 125 -9.17 -18.90 -23.72
N ASP C 126 -9.39 -20.17 -23.88
CA ASP C 126 -10.21 -20.98 -23.04
C ASP C 126 -9.58 -21.12 -21.66
N VAL C 127 -8.28 -20.93 -21.54
CA VAL C 127 -7.62 -21.13 -20.25
C VAL C 127 -7.15 -19.97 -19.47
N GLU C 128 -7.36 -20.04 -18.18
CA GLU C 128 -6.96 -19.01 -17.27
C GLU C 128 -5.73 -19.23 -16.39
N ALA C 129 -5.16 -20.42 -16.32
CA ALA C 129 -4.04 -20.69 -15.44
C ALA C 129 -3.09 -21.68 -15.97
N LEU C 130 -1.93 -21.81 -15.36
CA LEU C 130 -0.95 -22.78 -15.80
C LEU C 130 -0.15 -23.37 -14.68
N ALA C 131 0.17 -24.62 -14.74
CA ALA C 131 0.95 -25.16 -13.67
C ALA C 131 2.26 -25.66 -14.19
N VAL C 132 3.31 -25.31 -13.48
CA VAL C 132 4.67 -25.67 -13.82
C VAL C 132 5.05 -26.83 -12.96
N ILE C 134 7.56 -30.57 -12.84
CA ILE C 134 8.87 -31.11 -13.10
C ILE C 134 8.85 -32.62 -12.97
N PRO C 135 9.68 -33.26 -13.78
CA PRO C 135 9.84 -34.70 -13.85
C PRO C 135 10.49 -35.28 -12.61
N LYS C 136 10.05 -36.48 -12.19
CA LYS C 136 10.52 -37.14 -11.01
C LYS C 136 11.97 -37.47 -11.06
N GLU C 137 12.44 -37.89 -12.21
CA GLU C 137 13.81 -38.27 -12.29
C GLU C 137 14.69 -37.10 -11.98
N LYS C 138 14.26 -35.94 -12.44
CA LYS C 138 14.98 -34.70 -12.20
C LYS C 138 14.79 -34.06 -10.81
N TYR C 139 13.81 -34.49 -10.05
CA TYR C 139 13.56 -33.94 -8.73
C TYR C 139 13.93 -35.04 -7.82
N PRO C 140 14.64 -34.74 -6.75
CA PRO C 140 15.07 -35.78 -5.87
C PRO C 140 14.36 -35.75 -4.61
N ASN C 141 13.82 -36.89 -4.22
CA ASN C 141 13.10 -36.96 -3.00
C ASN C 141 11.86 -36.12 -2.91
N PRO C 142 11.12 -36.09 -3.99
CA PRO C 142 9.93 -35.28 -4.10
C PRO C 142 8.88 -35.60 -3.09
N SER C 143 8.15 -34.60 -2.66
CA SER C 143 7.12 -34.83 -1.70
C SER C 143 5.80 -35.02 -2.37
N ILE C 144 5.69 -34.58 -3.61
CA ILE C 144 4.46 -34.76 -4.32
C ILE C 144 4.67 -35.40 -5.67
N ASP C 145 4.06 -36.55 -5.94
CA ASP C 145 4.19 -37.25 -7.21
C ASP C 145 2.89 -37.22 -7.87
N PHE C 146 2.82 -36.70 -9.06
CA PHE C 146 1.54 -36.68 -9.73
C PHE C 146 1.70 -37.05 -11.16
N ASN C 147 1.58 -38.33 -11.49
CA ASN C 147 1.72 -38.79 -12.85
C ASN C 147 3.06 -38.57 -13.39
N GLY C 148 4.04 -38.62 -12.52
CA GLY C 148 5.40 -38.40 -12.91
C GLY C 148 5.81 -36.97 -13.00
N LEU C 149 5.03 -36.10 -12.39
CA LEU C 149 5.31 -34.70 -12.40
C LEU C 149 5.30 -34.23 -10.98
N VAL C 150 6.20 -33.32 -10.65
CA VAL C 150 6.24 -32.76 -9.32
C VAL C 150 5.94 -31.33 -9.52
N PRO C 151 5.14 -30.75 -8.68
CA PRO C 151 4.90 -29.35 -8.87
C PRO C 151 6.11 -28.49 -8.62
N ALA C 152 6.35 -27.60 -9.58
CA ALA C 152 7.41 -26.63 -9.62
C ALA C 152 7.21 -25.61 -8.56
N ASP C 153 5.97 -25.36 -8.27
CA ASP C 153 5.62 -24.39 -7.29
C ASP C 153 5.52 -23.03 -7.81
N ILE C 154 5.53 -22.90 -9.12
CA ILE C 154 5.43 -21.65 -9.81
C ILE C 154 4.15 -21.68 -10.61
N ASN C 155 3.23 -20.74 -10.40
CA ASN C 155 2.02 -20.79 -11.18
C ASN C 155 1.54 -19.51 -11.76
N VAL C 156 0.75 -19.62 -12.82
CA VAL C 156 0.15 -18.46 -13.45
C VAL C 156 -1.32 -18.60 -13.17
N VAL C 157 -1.88 -17.55 -12.62
CA VAL C 157 -3.26 -17.53 -12.24
C VAL C 157 -3.91 -16.26 -12.71
N SER C 158 -5.20 -16.32 -12.98
CA SER C 158 -5.92 -15.13 -13.39
C SER C 158 -6.71 -14.62 -12.23
N PRO C 159 -7.13 -13.40 -12.25
CA PRO C 159 -7.88 -12.90 -11.12
C PRO C 159 -9.35 -13.25 -11.21
N LYS C 160 -9.64 -14.53 -11.07
CA LYS C 160 -10.95 -15.11 -11.11
C LYS C 160 -11.05 -15.93 -9.86
N HIS C 161 -12.26 -16.04 -9.34
CA HIS C 161 -12.56 -16.78 -8.12
C HIS C 161 -13.14 -18.17 -8.32
N GLY C 162 -13.14 -18.65 -9.54
CA GLY C 162 -13.71 -19.94 -9.86
C GLY C 162 -12.68 -20.81 -10.47
N TYR C 163 -12.99 -22.05 -10.73
CA TYR C 163 -12.01 -22.94 -11.28
C TYR C 163 -11.57 -22.21 -12.47
N GLN C 164 -10.34 -22.43 -12.89
CA GLN C 164 -9.79 -21.79 -14.07
C GLN C 164 -9.25 -22.93 -14.85
N LYS C 165 -9.50 -22.99 -16.14
CA LYS C 165 -9.00 -24.11 -16.85
C LYS C 165 -7.54 -24.01 -16.59
N GLU C 166 -6.94 -25.03 -16.02
CA GLU C 166 -5.53 -25.00 -15.73
C GLU C 166 -4.69 -25.96 -16.53
N GLU C 167 -3.96 -25.46 -17.50
CA GLU C 167 -3.09 -26.26 -18.33
C GLU C 167 -1.83 -26.56 -17.53
N ILE C 168 -0.95 -27.43 -18.00
CA ILE C 168 0.30 -27.72 -17.25
C ILE C 168 1.56 -27.56 -18.05
N VAL C 170 5.79 -28.04 -18.56
CA VAL C 170 6.86 -28.94 -18.21
C VAL C 170 8.29 -28.45 -18.42
N ILE C 171 9.13 -28.56 -17.40
CA ILE C 171 10.50 -28.11 -17.50
C ILE C 171 11.55 -29.17 -17.17
N ASP C 172 12.43 -29.46 -18.12
CA ASP C 172 13.48 -30.43 -17.89
C ASP C 172 14.34 -29.86 -16.84
N GLU C 173 14.26 -28.56 -16.73
CA GLU C 173 15.02 -27.80 -15.79
C GLU C 173 14.52 -28.04 -14.40
N LEU C 174 15.38 -27.92 -13.41
CA LEU C 174 14.95 -28.16 -12.05
C LEU C 174 14.97 -27.00 -11.13
N ILE C 175 13.84 -26.73 -10.48
CA ILE C 175 13.69 -25.65 -9.51
C ILE C 175 13.29 -26.42 -8.29
N PHE C 176 13.91 -26.19 -7.15
CA PHE C 176 13.60 -26.98 -5.99
C PHE C 176 13.08 -26.26 -4.79
N ASN C 177 12.19 -26.87 -4.04
CA ASN C 177 11.67 -26.20 -2.88
C ASN C 177 11.83 -26.88 -1.55
N ILE C 178 12.37 -26.16 -0.60
CA ILE C 178 12.60 -26.67 0.71
C ILE C 178 11.33 -26.77 1.48
N ASN C 179 11.06 -27.93 2.04
CA ASN C 179 9.92 -28.14 2.89
C ASN C 179 10.41 -28.60 4.24
N THR C 180 11.60 -29.20 4.24
CA THR C 180 12.29 -29.74 5.42
C THR C 180 13.77 -29.46 5.52
N LYS C 181 14.33 -29.78 6.69
CA LYS C 181 15.73 -29.58 7.02
C LYS C 181 16.59 -30.37 6.12
N ASP C 182 16.12 -31.53 5.78
CA ASP C 182 16.81 -32.38 4.87
C ASP C 182 16.83 -31.75 3.50
N ASP C 183 15.74 -31.12 3.14
CA ASP C 183 15.64 -30.45 1.88
C ASP C 183 16.63 -29.34 1.94
N LEU C 184 16.76 -28.70 3.08
CA LEU C 184 17.71 -27.62 3.13
C LEU C 184 19.10 -28.10 2.83
N LYS C 185 19.45 -29.20 3.46
CA LYS C 185 20.71 -29.88 3.34
C LYS C 185 20.83 -30.36 1.95
N LEU C 186 19.76 -30.89 1.45
CA LEU C 186 19.79 -31.35 0.11
C LEU C 186 20.02 -30.16 -0.76
N ALA C 187 19.43 -29.02 -0.44
CA ALA C 187 19.56 -27.81 -1.23
C ALA C 187 20.96 -27.24 -1.32
N GLU C 188 21.67 -27.25 -0.23
CA GLU C 188 23.02 -26.73 -0.23
C GLU C 188 23.89 -27.53 -1.15
N LEU C 190 23.23 -29.02 -3.73
CA LEU C 190 23.08 -28.61 -5.09
C LEU C 190 23.78 -27.28 -5.23
N ASP D 2 -23.90 10.81 32.39
CA ASP D 2 -24.97 9.87 32.30
C ASP D 2 -24.63 8.99 31.16
N ALA D 3 -25.36 7.93 30.97
CA ALA D 3 -25.08 7.06 29.88
C ALA D 3 -26.26 6.75 28.99
N LEU D 4 -26.02 6.53 27.73
CA LEU D 4 -27.09 6.17 26.84
C LEU D 4 -26.77 4.88 26.18
N ILE D 5 -27.69 3.95 26.23
CA ILE D 5 -27.50 2.67 25.60
C ILE D 5 -28.48 2.64 24.50
N ALA D 7 -30.48 0.57 21.95
CA ALA D 7 -31.04 -0.74 21.73
C ALA D 7 -32.21 -0.85 20.70
N GLY D 8 -32.29 0.07 19.73
CA GLY D 8 -33.37 0.10 18.76
C GLY D 8 -33.09 -0.45 17.38
N GLY D 9 -31.98 -1.14 17.26
CA GLY D 9 -31.55 -1.70 16.01
C GLY D 9 -32.27 -2.86 15.41
N LYS D 10 -32.04 -3.04 14.13
CA LYS D 10 -32.60 -4.11 13.34
C LYS D 10 -32.09 -5.49 13.64
N GLY D 11 -30.82 -5.59 13.99
CA GLY D 11 -30.17 -6.85 14.29
C GLY D 11 -30.07 -7.77 13.12
N THR D 12 -29.83 -7.17 11.98
CA THR D 12 -29.77 -7.84 10.71
C THR D 12 -28.75 -8.90 10.51
N ARG D 13 -27.54 -8.66 10.89
CA ARG D 13 -26.55 -9.61 10.64
C ARG D 13 -26.88 -10.85 11.38
N GLY D 15 -29.92 -12.24 11.34
CA GLY D 15 -31.12 -12.83 10.86
C GLY D 15 -32.20 -11.94 11.34
N GLY D 16 -31.84 -10.71 11.62
CA GLY D 16 -32.82 -9.76 12.10
C GLY D 16 -33.48 -10.11 13.39
N VAL D 17 -32.67 -10.17 14.43
CA VAL D 17 -33.11 -10.50 15.75
C VAL D 17 -32.73 -9.41 16.75
N GLU D 18 -33.46 -9.30 17.86
CA GLU D 18 -33.16 -8.26 18.83
C GLU D 18 -31.99 -8.69 19.63
N LYS D 19 -30.87 -8.07 19.33
CA LYS D 19 -29.63 -8.41 19.93
C LYS D 19 -29.62 -8.24 21.40
N PRO D 20 -30.25 -7.21 21.90
CA PRO D 20 -30.21 -6.90 23.31
C PRO D 20 -30.68 -8.02 24.14
N LEU D 21 -31.59 -8.82 23.60
CA LEU D 21 -32.12 -9.92 24.35
C LEU D 21 -31.46 -11.22 24.01
N ILE D 22 -30.45 -11.18 23.16
CA ILE D 22 -29.76 -12.39 22.82
C ILE D 22 -29.07 -12.82 24.07
N LYS D 23 -29.17 -14.11 24.37
CA LYS D 23 -28.62 -14.68 25.58
C LYS D 23 -27.29 -15.30 25.37
N LEU D 24 -26.32 -14.91 26.17
CA LEU D 24 -25.00 -15.48 26.05
C LEU D 24 -24.55 -16.00 27.36
N CYS D 25 -24.36 -17.30 27.47
CA CYS D 25 -23.94 -17.93 28.69
C CYS D 25 -24.98 -17.66 29.73
N GLY D 26 -26.21 -17.50 29.30
CA GLY D 26 -27.31 -17.25 30.19
C GLY D 26 -27.67 -15.87 30.67
N ARG D 27 -27.10 -14.81 30.14
CA ARG D 27 -27.49 -13.49 30.56
C ARG D 27 -27.74 -12.79 29.28
N CYS D 28 -28.77 -11.99 29.22
CA CYS D 28 -29.07 -11.28 28.02
C CYS D 28 -27.94 -10.37 27.81
N LEU D 29 -27.48 -10.20 26.59
CA LEU D 29 -26.30 -9.40 26.30
C LEU D 29 -26.41 -8.00 26.79
N ILE D 30 -27.62 -7.55 26.85
CA ILE D 30 -27.92 -6.22 27.29
C ILE D 30 -27.50 -6.07 28.74
N ASP D 31 -27.73 -7.12 29.50
CA ASP D 31 -27.47 -7.18 30.91
C ASP D 31 -26.02 -7.03 31.23
N TYR D 32 -25.19 -7.40 30.26
CA TYR D 32 -23.75 -7.29 30.35
C TYR D 32 -23.30 -5.87 30.43
N VAL D 33 -23.86 -5.02 29.58
CA VAL D 33 -23.56 -3.61 29.56
C VAL D 33 -24.12 -2.83 30.74
N VAL D 34 -25.32 -3.15 31.13
CA VAL D 34 -25.96 -2.47 32.22
C VAL D 34 -25.32 -2.67 33.54
N SER D 35 -24.97 -3.89 33.81
CA SER D 35 -24.43 -4.21 35.07
C SER D 35 -23.23 -3.42 35.33
N PRO D 36 -22.37 -3.33 34.36
CA PRO D 36 -21.15 -2.57 34.52
C PRO D 36 -21.38 -1.07 34.78
N LEU D 37 -22.28 -0.47 34.05
CA LEU D 37 -22.57 0.91 34.20
C LEU D 37 -23.09 1.16 35.56
N LEU D 38 -23.77 0.17 36.10
CA LEU D 38 -24.37 0.30 37.42
C LEU D 38 -23.41 0.44 38.54
N LYS D 39 -22.29 -0.25 38.47
CA LYS D 39 -21.30 -0.16 39.49
C LYS D 39 -20.38 0.98 39.22
N SER D 40 -20.52 1.56 38.05
CA SER D 40 -19.71 2.69 37.63
C SER D 40 -20.11 3.99 38.16
N LYS D 41 -19.30 4.99 37.95
CA LYS D 41 -19.62 6.29 38.47
C LYS D 41 -20.72 6.95 37.65
N VAL D 42 -21.12 6.31 36.59
CA VAL D 42 -22.16 6.86 35.80
C VAL D 42 -23.41 6.83 36.61
N ASN D 43 -24.04 7.97 36.77
CA ASN D 43 -25.28 8.05 37.49
C ASN D 43 -26.56 7.48 36.87
N ASN D 44 -27.00 7.93 35.71
CA ASN D 44 -28.21 7.41 35.13
C ASN D 44 -28.05 6.65 33.88
N ILE D 45 -28.79 5.58 33.74
CA ILE D 45 -28.73 4.78 32.55
C ILE D 45 -30.04 4.86 31.81
N PHE D 46 -29.94 5.30 30.58
CA PHE D 46 -31.09 5.46 29.77
C PHE D 46 -30.86 4.49 28.67
N ILE D 47 -31.84 3.71 28.34
CA ILE D 47 -31.65 2.78 27.28
C ILE D 47 -32.54 3.22 26.15
N ALA D 48 -32.01 3.47 24.95
CA ALA D 48 -32.85 3.93 23.83
C ALA D 48 -33.31 2.81 22.95
N THR D 49 -34.62 2.61 22.90
CA THR D 49 -35.21 1.53 22.12
C THR D 49 -36.20 1.89 21.01
N SER D 50 -36.00 1.28 19.85
CA SER D 50 -36.80 1.49 18.65
C SER D 50 -38.11 0.68 18.56
N PRO D 51 -38.92 0.91 17.54
CA PRO D 51 -40.11 0.11 17.39
C PRO D 51 -39.72 -1.32 17.18
N ASN D 52 -38.53 -1.53 16.67
CA ASN D 52 -38.01 -2.86 16.52
C ASN D 52 -37.43 -2.95 17.90
N THR D 53 -37.14 -4.13 18.40
CA THR D 53 -36.54 -4.11 19.72
C THR D 53 -37.53 -3.80 20.83
N PRO D 54 -38.80 -3.94 20.55
CA PRO D 54 -39.88 -3.74 21.50
C PRO D 54 -39.84 -4.84 22.54
N LYS D 55 -39.38 -6.00 22.14
CA LYS D 55 -39.29 -7.11 23.02
C LYS D 55 -38.38 -6.75 24.13
N THR D 56 -37.34 -6.03 23.80
CA THR D 56 -36.32 -5.56 24.72
C THR D 56 -36.85 -4.56 25.68
N LYS D 57 -37.65 -3.65 25.17
CA LYS D 57 -38.19 -2.59 25.97
C LYS D 57 -39.04 -3.16 27.06
N GLU D 58 -39.75 -4.23 26.78
CA GLU D 58 -40.66 -4.84 27.73
C GLU D 58 -39.92 -5.37 28.89
N TYR D 59 -38.83 -6.01 28.54
CA TYR D 59 -37.90 -6.61 29.45
C TYR D 59 -37.20 -5.65 30.35
N ILE D 60 -36.79 -4.53 29.84
CA ILE D 60 -36.10 -3.64 30.69
C ILE D 60 -37.03 -3.20 31.72
N ASN D 61 -38.24 -2.91 31.33
CA ASN D 61 -39.25 -2.43 32.24
C ASN D 61 -39.67 -3.46 33.28
N SER D 62 -39.76 -4.72 32.88
CA SER D 62 -40.02 -5.76 33.82
C SER D 62 -38.82 -6.07 34.73
N ALA D 63 -37.65 -6.23 34.16
CA ALA D 63 -36.44 -6.54 34.92
C ALA D 63 -35.99 -5.50 35.85
N TYR D 64 -36.09 -4.27 35.41
CA TYR D 64 -35.60 -3.12 36.16
C TYR D 64 -36.67 -2.11 36.49
N LYS D 65 -37.85 -2.52 36.86
CA LYS D 65 -38.86 -1.53 37.17
C LYS D 65 -38.45 -0.71 38.33
N ASP D 66 -37.94 -1.39 39.32
CA ASP D 66 -37.39 -0.84 40.54
C ASP D 66 -36.14 0.00 40.46
N TYR D 67 -35.28 -0.38 39.58
CA TYR D 67 -33.95 0.14 39.44
C TYR D 67 -34.20 1.54 38.86
N LYS D 68 -33.23 2.44 38.74
CA LYS D 68 -33.54 3.74 38.11
C LYS D 68 -32.78 4.03 36.79
N ASN D 69 -33.21 3.25 35.80
CA ASN D 69 -32.80 3.25 34.43
C ASN D 69 -34.01 3.56 33.68
N ILE D 70 -33.86 4.47 32.76
CA ILE D 70 -34.98 4.83 31.98
C ILE D 70 -34.80 4.37 30.55
N VAL D 71 -35.86 3.78 30.03
CA VAL D 71 -35.93 3.32 28.67
C VAL D 71 -36.46 4.51 27.91
N VAL D 72 -35.77 4.95 26.90
CA VAL D 72 -36.20 6.10 26.18
C VAL D 72 -36.81 5.72 24.86
N ILE D 73 -38.06 6.08 24.69
CA ILE D 73 -38.77 5.81 23.49
C ILE D 73 -38.06 6.47 22.35
N ASP D 74 -37.92 5.70 21.29
CA ASP D 74 -37.23 6.11 20.13
C ASP D 74 -37.81 5.53 18.86
N THR D 75 -37.08 5.65 17.77
CA THR D 75 -37.56 5.15 16.50
C THR D 75 -36.46 4.65 15.59
N LEU D 84 -29.78 8.52 17.68
CA LEU D 84 -28.90 9.12 18.64
C LEU D 84 -29.04 10.58 18.51
N ASN D 85 -29.18 11.03 17.31
CA ASN D 85 -29.33 12.43 17.10
C ASN D 85 -30.56 12.90 17.82
N GLU D 86 -31.64 12.16 17.77
CA GLU D 86 -32.85 12.60 18.45
C GLU D 86 -32.71 12.70 19.94
N CYS D 87 -32.00 11.76 20.49
CA CYS D 87 -31.74 11.65 21.88
C CYS D 87 -30.93 12.73 22.45
N ILE D 88 -30.00 13.26 21.69
CA ILE D 88 -29.08 14.24 22.20
C ILE D 88 -29.75 15.43 22.85
N GLY D 89 -30.92 15.78 22.38
CA GLY D 89 -31.61 16.93 22.89
C GLY D 89 -31.98 16.83 24.33
N TYR D 90 -31.93 15.62 24.81
CA TYR D 90 -32.31 15.33 26.15
C TYR D 90 -31.21 15.45 27.15
N PHE D 91 -30.01 15.76 26.73
CA PHE D 91 -28.98 15.85 27.69
C PHE D 91 -28.38 17.22 27.83
N SER D 92 -28.50 17.75 29.03
CA SER D 92 -27.94 19.02 29.44
C SER D 92 -26.43 18.98 29.49
N GLU D 93 -25.90 17.88 29.99
CA GLU D 93 -24.48 17.72 30.08
C GLU D 93 -24.06 16.57 29.18
N PRO D 94 -22.77 16.46 28.96
CA PRO D 94 -22.20 15.43 28.14
C PRO D 94 -22.44 14.10 28.76
N PHE D 95 -22.46 13.06 27.96
CA PHE D 95 -22.78 11.74 28.41
C PHE D 95 -22.11 10.68 27.65
N LEU D 96 -22.28 9.46 28.12
CA LEU D 96 -21.72 8.24 27.55
C LEU D 96 -22.69 7.39 26.78
N VAL D 97 -22.33 7.08 25.54
CA VAL D 97 -23.14 6.29 24.66
C VAL D 97 -22.49 5.01 24.48
N VAL D 98 -23.25 3.96 24.55
CA VAL D 98 -22.68 2.68 24.38
C VAL D 98 -23.66 1.77 23.71
N SER D 99 -23.15 0.79 23.01
CA SER D 99 -23.98 -0.19 22.37
C SER D 99 -24.33 -1.22 23.40
N SER D 100 -25.29 -2.06 23.12
CA SER D 100 -25.73 -3.09 24.03
C SER D 100 -25.21 -4.44 23.67
N ASP D 101 -24.15 -4.47 22.89
CA ASP D 101 -23.52 -5.68 22.45
C ASP D 101 -22.14 -5.88 23.01
N LEU D 102 -21.65 -4.95 23.80
CA LEU D 102 -20.32 -5.03 24.37
C LEU D 102 -20.05 -6.11 25.36
N ILE D 103 -18.88 -6.73 25.28
CA ILE D 103 -18.50 -7.77 26.22
C ILE D 103 -17.23 -7.42 26.91
N ASN D 104 -17.20 -7.56 28.21
CA ASN D 104 -16.02 -7.23 28.93
C ASN D 104 -15.88 -5.81 29.32
N LEU D 105 -16.84 -4.98 29.05
CA LEU D 105 -16.69 -3.65 29.52
C LEU D 105 -16.69 -3.84 31.00
N LYS D 106 -15.82 -3.18 31.71
CA LYS D 106 -15.72 -3.36 33.13
C LYS D 106 -15.89 -2.06 33.79
N SER D 107 -16.28 -2.07 35.03
CA SER D 107 -16.54 -0.84 35.71
C SER D 107 -15.30 0.03 35.81
N LYS D 108 -14.14 -0.55 35.99
CA LYS D 108 -12.99 0.26 36.12
C LYS D 108 -12.77 1.05 34.89
N ILE D 109 -12.97 0.40 33.76
CA ILE D 109 -12.72 1.01 32.48
C ILE D 109 -13.58 2.15 32.25
N ILE D 110 -14.84 2.05 32.60
CA ILE D 110 -15.76 3.13 32.43
C ILE D 110 -15.38 4.35 33.24
N ASN D 111 -14.97 4.14 34.45
CA ASN D 111 -14.58 5.25 35.26
C ASN D 111 -13.40 5.93 34.68
N SER D 112 -12.56 5.16 34.03
CA SER D 112 -11.40 5.63 33.36
C SER D 112 -11.69 6.54 32.21
N ILE D 113 -12.68 6.18 31.41
CA ILE D 113 -13.13 6.94 30.27
C ILE D 113 -13.70 8.23 30.67
N VAL D 114 -14.47 8.23 31.73
CA VAL D 114 -15.05 9.46 32.22
C VAL D 114 -14.00 10.42 32.76
N ASP D 115 -13.09 9.91 33.56
CA ASP D 115 -12.05 10.71 34.16
C ASP D 115 -11.12 11.26 33.13
N TYR D 116 -10.78 10.45 32.16
CA TYR D 116 -9.95 10.88 31.07
C TYR D 116 -10.58 11.95 30.21
N PHE D 117 -11.85 11.84 29.90
CA PHE D 117 -12.45 12.86 29.10
C PHE D 117 -12.44 14.17 29.80
N TYR D 118 -12.73 14.18 31.08
CA TYR D 118 -12.69 15.40 31.88
C TYR D 118 -11.28 16.01 31.96
N CYS D 119 -10.27 15.15 32.09
CA CYS D 119 -8.90 15.66 32.13
C CYS D 119 -8.56 16.33 30.84
N ILE D 120 -9.00 15.74 29.76
CA ILE D 120 -8.81 16.30 28.45
C ILE D 120 -9.52 17.59 28.28
N LYS D 121 -10.70 17.69 28.78
CA LYS D 121 -11.42 18.91 28.60
C LYS D 121 -10.60 19.93 29.28
N ALA D 122 -10.07 19.55 30.41
CA ALA D 122 -9.28 20.51 31.13
C ALA D 122 -8.07 20.96 30.36
N LYS D 123 -7.40 20.07 29.70
CA LYS D 123 -6.34 20.50 28.84
C LYS D 123 -6.71 21.36 27.64
N THR D 124 -7.80 21.05 26.95
CA THR D 124 -8.11 21.77 25.73
C THR D 124 -9.55 22.04 25.76
N PRO D 125 -9.97 23.04 26.46
CA PRO D 125 -11.40 23.02 26.57
C PRO D 125 -12.04 22.78 25.22
N GLU D 128 -14.63 17.78 22.99
CA GLU D 128 -16.08 17.70 23.08
C GLU D 128 -16.75 16.33 23.05
N ALA D 129 -16.17 15.44 22.29
CA ALA D 129 -16.61 14.08 22.15
C ALA D 129 -15.25 13.37 22.28
N LEU D 130 -15.24 12.20 22.91
CA LEU D 130 -14.06 11.35 23.03
C LEU D 130 -14.50 10.01 22.42
N ALA D 131 -13.64 9.45 21.57
CA ALA D 131 -13.85 8.17 20.90
C ALA D 131 -12.92 7.10 21.39
N VAL D 132 -13.47 6.00 21.83
CA VAL D 132 -12.75 4.93 22.45
C VAL D 132 -12.57 3.82 21.47
N ILE D 134 -9.74 0.39 20.09
CA ILE D 134 -8.82 -0.64 20.47
C ILE D 134 -7.91 -1.00 19.37
N PRO D 135 -6.71 -1.40 19.69
CA PRO D 135 -5.73 -1.79 18.72
C PRO D 135 -6.20 -3.00 18.00
N LYS D 136 -5.88 -3.09 16.73
CA LYS D 136 -6.29 -4.21 15.93
C LYS D 136 -5.71 -5.50 16.42
N GLU D 137 -4.49 -5.47 16.91
CA GLU D 137 -3.89 -6.69 17.34
C GLU D 137 -4.61 -7.36 18.50
N LYS D 138 -5.10 -6.57 19.41
CA LYS D 138 -5.81 -7.07 20.53
C LYS D 138 -7.20 -7.44 20.06
N TYR D 139 -7.54 -7.16 18.82
CA TYR D 139 -8.91 -7.40 18.34
C TYR D 139 -9.02 -8.28 17.11
N PRO D 140 -10.01 -9.15 17.13
CA PRO D 140 -10.20 -10.14 16.09
C PRO D 140 -11.43 -10.00 15.29
N ASN D 141 -11.30 -10.13 14.00
CA ASN D 141 -12.44 -10.02 13.13
C ASN D 141 -13.10 -8.73 13.24
N PRO D 142 -12.31 -7.72 13.37
CA PRO D 142 -12.89 -6.42 13.51
C PRO D 142 -13.64 -6.06 12.27
N SER D 143 -14.90 -5.74 12.43
CA SER D 143 -15.74 -5.31 11.37
C SER D 143 -15.27 -3.95 10.87
N ILE D 144 -14.74 -3.16 11.78
CA ILE D 144 -14.23 -1.83 11.43
C ILE D 144 -12.79 -1.61 11.74
N ASP D 145 -11.97 -1.17 10.79
CA ASP D 145 -10.58 -0.88 11.11
C ASP D 145 -10.27 0.53 10.74
N PHE D 146 -10.02 1.38 11.70
CA PHE D 146 -9.73 2.79 11.43
C PHE D 146 -8.29 3.10 11.72
N ASN D 147 -7.45 3.06 10.71
CA ASN D 147 -6.07 3.35 10.88
C ASN D 147 -5.53 2.43 11.90
N GLY D 148 -6.05 1.24 11.93
CA GLY D 148 -5.56 0.25 12.85
C GLY D 148 -6.13 0.36 14.20
N LEU D 149 -7.19 1.10 14.34
CA LEU D 149 -7.85 1.25 15.61
C LEU D 149 -9.25 0.79 15.42
N VAL D 150 -9.75 -0.02 16.31
CA VAL D 150 -11.09 -0.55 16.21
C VAL D 150 -11.92 0.08 17.27
N PRO D 151 -13.04 0.63 16.88
CA PRO D 151 -13.88 1.30 17.83
C PRO D 151 -14.38 0.38 18.89
N ALA D 152 -14.42 0.82 20.13
CA ALA D 152 -14.91 -0.02 21.19
C ALA D 152 -16.36 0.22 21.36
N ASP D 153 -16.88 1.20 20.71
CA ASP D 153 -18.27 1.43 20.80
C ASP D 153 -18.73 2.08 22.05
N ILE D 154 -17.84 2.78 22.76
CA ILE D 154 -18.08 3.64 23.93
C ILE D 154 -17.39 4.92 23.43
N ASN D 155 -18.20 5.93 23.26
CA ASN D 155 -17.71 7.19 22.81
C ASN D 155 -18.58 7.99 23.82
N VAL D 156 -18.08 9.18 24.09
CA VAL D 156 -18.69 10.19 24.93
C VAL D 156 -19.00 11.33 24.00
N VAL D 157 -20.23 11.83 24.05
CA VAL D 157 -20.81 12.84 23.20
C VAL D 157 -21.11 14.06 24.05
N SER D 158 -20.64 15.20 23.57
CA SER D 158 -20.80 16.49 24.20
C SER D 158 -22.13 16.80 23.46
N PRO D 159 -23.16 17.26 24.17
CA PRO D 159 -24.51 17.38 23.66
C PRO D 159 -24.86 18.44 22.60
N LYS D 160 -24.19 18.40 21.47
CA LYS D 160 -24.44 19.32 20.37
C LYS D 160 -24.68 18.55 19.11
N HIS D 161 -25.41 19.15 18.19
CA HIS D 161 -25.68 18.55 16.90
C HIS D 161 -24.55 18.78 15.96
N GLY D 162 -24.51 18.03 14.90
CA GLY D 162 -23.43 18.12 13.96
C GLY D 162 -22.07 17.69 14.44
N TYR D 163 -21.07 18.53 14.29
CA TYR D 163 -19.71 18.21 14.69
C TYR D 163 -19.34 18.40 16.15
N GLN D 164 -18.28 17.73 16.56
CA GLN D 164 -17.76 17.90 17.87
C GLN D 164 -16.34 17.61 17.74
N LYS D 165 -15.49 18.28 18.49
CA LYS D 165 -14.13 17.97 18.30
C LYS D 165 -13.89 16.64 18.94
N GLU D 166 -13.74 15.66 18.06
CA GLU D 166 -13.44 14.28 18.38
C GLU D 166 -12.02 14.14 18.85
N GLU D 167 -11.77 13.13 19.67
CA GLU D 167 -10.46 12.80 20.23
C GLU D 167 -10.40 11.30 20.49
N ILE D 168 -9.25 10.73 20.80
CA ILE D 168 -9.20 9.30 20.98
C ILE D 168 -8.49 8.74 22.18
N VAL D 170 -7.02 5.16 23.56
CA VAL D 170 -6.76 3.80 23.20
C VAL D 170 -6.53 2.90 24.40
N ILE D 171 -7.33 1.86 24.45
CA ILE D 171 -7.32 0.94 25.53
C ILE D 171 -6.84 -0.38 25.07
N ASP D 172 -5.79 -0.85 25.68
CA ASP D 172 -5.22 -2.10 25.29
C ASP D 172 -6.13 -3.22 25.64
N GLU D 173 -7.17 -2.92 26.37
CA GLU D 173 -8.13 -3.92 26.77
C GLU D 173 -9.00 -4.26 25.60
N LEU D 174 -9.76 -5.34 25.73
CA LEU D 174 -10.67 -5.84 24.71
C LEU D 174 -12.10 -5.70 25.14
N ILE D 175 -12.88 -4.96 24.39
CA ILE D 175 -14.23 -4.77 24.74
C ILE D 175 -14.90 -5.10 23.49
N PHE D 176 -15.01 -6.38 23.23
CA PHE D 176 -15.60 -6.90 22.05
C PHE D 176 -17.05 -6.59 21.85
N ASN D 177 -17.45 -6.18 20.66
CA ASN D 177 -18.84 -5.88 20.39
C ASN D 177 -19.34 -6.90 19.41
N ILE D 178 -20.38 -7.61 19.77
CA ILE D 178 -20.88 -8.64 18.93
C ILE D 178 -21.87 -8.16 17.93
N ASN D 179 -21.54 -8.32 16.68
CA ASN D 179 -22.45 -7.89 15.67
C ASN D 179 -22.89 -9.06 14.78
N THR D 180 -22.32 -10.24 15.00
CA THR D 180 -22.66 -11.41 14.20
C THR D 180 -22.65 -12.72 14.93
N LYS D 181 -23.17 -13.76 14.30
CA LYS D 181 -23.25 -15.07 14.92
C LYS D 181 -21.96 -15.69 15.25
N ASP D 182 -21.00 -15.47 14.39
CA ASP D 182 -19.69 -15.97 14.62
C ASP D 182 -19.13 -15.26 15.82
N ASP D 183 -19.53 -14.02 15.98
CA ASP D 183 -19.11 -13.20 17.10
C ASP D 183 -19.69 -13.72 18.36
N LEU D 184 -20.80 -14.41 18.24
CA LEU D 184 -21.45 -14.99 19.38
C LEU D 184 -20.54 -16.04 19.96
N LYS D 185 -19.95 -16.84 19.11
CA LYS D 185 -19.04 -17.85 19.55
C LYS D 185 -17.75 -17.32 20.14
N LEU D 186 -17.15 -16.35 19.50
CA LEU D 186 -15.90 -15.84 19.97
C LEU D 186 -16.13 -15.30 21.33
N ALA D 187 -17.26 -14.68 21.50
CA ALA D 187 -17.56 -14.07 22.76
C ALA D 187 -17.63 -15.08 23.85
N GLU D 188 -18.23 -16.21 23.54
CA GLU D 188 -18.42 -17.29 24.48
C GLU D 188 -17.12 -17.72 24.98
N LEU D 190 -14.88 -16.40 26.06
CA LEU D 190 -14.31 -15.29 26.79
C LEU D 190 -14.83 -15.21 28.22
#